data_4HNX
#
_entry.id   4HNX
#
_cell.length_a   137.105
_cell.length_b   137.105
_cell.length_c   179.603
_cell.angle_alpha   90.00
_cell.angle_beta   90.00
_cell.angle_gamma   120.00
#
_symmetry.space_group_name_H-M   'P 31 2 1'
#
loop_
_entity.id
_entity.type
_entity.pdbx_description
1 polymer 'N-terminal acetyltransferase A complex subunit NAT1'
2 polymer 'N-terminal acetyltransferase A complex catalytic subunit ARD1'
3 non-polymer "GUANOSINE-5',3'-TETRAPHOSPHATE"
4 water water
#
loop_
_entity_poly.entity_id
_entity_poly.type
_entity_poly.pdbx_seq_one_letter_code
_entity_poly.pdbx_strand_id
1 'polypeptide(L)'
;MSRKRSTKPKPAAKIALKKENDQFLEALKLYEGKQYKKSLKLLDAILKKDGSHVDSLALKGLDLYSVGEKDDAASYVANA
IRKIEGASASPICCHVLGIYMRNTKEYKESIKWFTAALNNGSTNKQIYRDLATLQSQIGDFKNALVSRKKYWEAFLGYRA
NWTSLAVAQDVNGERQQAINTLSQFEKLAEGKISDSEKYEHSECLMYKNDIMYKAASDNQDKLQNVLKHLNDIEPCVFDK
FGLLERKATIYMKLGQLKDASIVYRTLIKRNPDNFKYYKLLEVSLGIQGDNKLKKALYGKLEQFYPRCEPPKFIPLTFLQ
DKEELSKKLREYVLPQLERGVPATFSNVKPLYQRRKSKVSPLLEKIVLDYLSGLDPTQDPIPFIWTNYYLSQHFLFLKDF
PKAQEYIDAALDHTPTLVEFYILKARILKHLGLMDTAAGILEEGRQLDLQDRFINCKTVKYFLRANNIDKAVEVASLFTK
NDDSVNGIKDLHLVEASWFIVEQAEAYYRLYLDRKKKLDDLASLKKEVESDKSEQIANDIKENQWLVRKYKGLALKRFNA
IPKFYKQFEDDQLDFHSYCMRKGTPRAYLEMLEWGKALYTKPMYVRAMKEASKLYFQMHDDRLKRKSDSLDENSDEIQNN
GQNSSSQKKKAKKEAAAMNKRKETEAKSVAAYPSDQDNDVFGEKLIETSTPMEDFATEFYNNYSMQVREDERDYILDFEF
NYRIGKLALCFASLNKFAKRFGTTSGLFGSMAIVLLHATRNDTPFDPILKKVVTKSLEKEYSENFPLNEISNNSFDWLNF
YQEKFGKNDINGLLFLYRYRDDVPIGSSNLKEMIISSLSPLEPHSQNEILQYYLYPYDVPDYA
;
A
2 'polypeptide(L)'
;MPINIRRATINDIICMQNANLHNLPENYMMKYYMYHILSWPEASFVATTTTLDCEDSDEQDENDKLELTLDGTNDGRTIK
LDPTYLAPGEKLVGYVLVKMNDDPDQQNEPPNGHITSLSVMRTYRRMGIAENLMRQALFALREVHQAEYVSLHVRQSNRA
ALHLYRDTLAFEVLSIEKSYYQDGEDAYAMKKVLKLEELQISNFTHRRLKENEEKLEDDLESDLLEDIIKQGVNDIIVEQ
KLISEEDL
;
B
#
loop_
_chem_comp.id
_chem_comp.type
_chem_comp.name
_chem_comp.formula
G4P RNA linking GUANOSINE-5',3'-TETRAPHOSPHATE 'C10 H17 N5 O17 P4'
#
# COMPACT_ATOMS: atom_id res chain seq x y z
N LYS A 18 -51.17 -26.75 9.28
CA LYS A 18 -49.92 -26.83 10.03
C LYS A 18 -48.90 -27.71 9.31
N LYS A 19 -49.38 -28.46 8.34
CA LYS A 19 -48.50 -29.32 7.54
C LYS A 19 -47.49 -28.48 6.75
N GLU A 20 -47.88 -27.27 6.40
CA GLU A 20 -46.98 -26.38 5.66
C GLU A 20 -45.84 -25.92 6.53
N ASN A 21 -46.15 -25.44 7.74
CA ASN A 21 -45.13 -24.97 8.68
C ASN A 21 -44.07 -26.03 8.95
N ASP A 22 -44.48 -27.30 8.92
CA ASP A 22 -43.55 -28.41 9.09
C ASP A 22 -42.63 -28.52 7.88
N GLN A 23 -43.22 -28.48 6.69
CA GLN A 23 -42.44 -28.52 5.47
C GLN A 23 -41.48 -27.34 5.45
N PHE A 24 -42.00 -26.15 5.71
CA PHE A 24 -41.17 -24.96 5.76
C PHE A 24 -39.99 -25.15 6.70
N LEU A 25 -40.27 -25.68 7.90
CA LEU A 25 -39.23 -25.84 8.90
C LEU A 25 -38.16 -26.86 8.50
N GLU A 26 -38.58 -27.91 7.79
CA GLU A 26 -37.62 -28.87 7.27
C GLU A 26 -36.74 -28.13 6.26
N ALA A 27 -37.39 -27.37 5.39
CA ALA A 27 -36.69 -26.54 4.41
C ALA A 27 -35.69 -25.65 5.11
N LEU A 28 -36.12 -24.99 6.18
CA LEU A 28 -35.28 -24.08 6.94
C LEU A 28 -34.03 -24.81 7.45
N LYS A 29 -34.26 -25.99 8.02
CA LYS A 29 -33.18 -26.84 8.49
C LYS A 29 -32.25 -27.17 7.33
N LEU A 30 -32.83 -27.64 6.24
CA LEU A 30 -32.07 -27.97 5.04
C LEU A 30 -31.19 -26.81 4.57
N TYR A 31 -31.79 -25.62 4.44
CA TYR A 31 -31.02 -24.45 4.04
C TYR A 31 -29.83 -24.26 4.98
N GLU A 32 -30.09 -24.37 6.28
CA GLU A 32 -29.05 -24.19 7.29
C GLU A 32 -27.93 -25.24 7.16
N GLY A 33 -28.30 -26.43 6.68
CA GLY A 33 -27.34 -27.49 6.45
C GLY A 33 -26.64 -27.36 5.11
N LYS A 34 -26.79 -26.19 4.49
CA LYS A 34 -26.21 -25.92 3.18
C LYS A 34 -26.68 -26.92 2.12
N GLN A 35 -27.89 -27.46 2.30
CA GLN A 35 -28.48 -28.34 1.30
C GLN A 35 -29.62 -27.62 0.57
N TYR A 36 -29.24 -26.71 -0.32
CA TYR A 36 -30.20 -25.78 -0.94
C TYR A 36 -31.22 -26.39 -1.90
N LYS A 37 -30.77 -27.28 -2.78
CA LYS A 37 -31.64 -27.87 -3.77
C LYS A 37 -32.73 -28.74 -3.14
N LYS A 38 -32.37 -29.44 -2.07
CA LYS A 38 -33.33 -30.28 -1.37
C LYS A 38 -34.34 -29.41 -0.62
N SER A 39 -33.86 -28.28 -0.10
CA SER A 39 -34.72 -27.31 0.57
C SER A 39 -35.73 -26.70 -0.40
N LEU A 40 -35.25 -26.30 -1.56
CA LEU A 40 -36.10 -25.74 -2.60
C LEU A 40 -37.25 -26.66 -2.98
N LYS A 41 -37.00 -27.96 -3.05
CA LYS A 41 -38.04 -28.94 -3.41
C LYS A 41 -39.27 -28.79 -2.50
N LEU A 42 -39.03 -28.77 -1.19
CA LEU A 42 -40.10 -28.62 -0.20
C LEU A 42 -40.85 -27.31 -0.36
N LEU A 43 -40.12 -26.24 -0.67
CA LEU A 43 -40.73 -24.93 -0.87
C LEU A 43 -41.56 -24.88 -2.16
N ASP A 44 -41.01 -25.36 -3.26
CA ASP A 44 -41.72 -25.40 -4.53
C ASP A 44 -43.08 -26.08 -4.32
N ALA A 45 -43.15 -26.96 -3.32
CA ALA A 45 -44.37 -27.71 -3.02
C ALA A 45 -45.37 -26.89 -2.20
N ILE A 46 -44.88 -26.15 -1.22
CA ILE A 46 -45.75 -25.32 -0.40
C ILE A 46 -46.31 -24.19 -1.26
N LEU A 47 -45.48 -23.72 -2.18
CA LEU A 47 -45.86 -22.62 -3.06
C LEU A 47 -46.75 -23.07 -4.22
N LYS A 48 -46.61 -24.33 -4.63
CA LYS A 48 -47.46 -24.88 -5.68
C LYS A 48 -48.90 -25.04 -5.19
N LYS A 49 -49.06 -25.12 -3.87
CA LYS A 49 -50.37 -25.27 -3.26
C LYS A 49 -51.02 -23.92 -2.95
N GLY A 51 -48.86 -20.61 -2.26
CA GLY A 51 -48.53 -19.47 -3.09
C GLY A 51 -48.59 -18.15 -2.33
N SER A 52 -49.45 -18.12 -1.32
CA SER A 52 -49.62 -16.93 -0.49
C SER A 52 -48.52 -16.82 0.57
N HIS A 53 -47.69 -17.86 0.66
CA HIS A 53 -46.81 -18.05 1.81
C HIS A 53 -45.63 -17.07 1.81
N VAL A 54 -45.73 -16.04 2.63
CA VAL A 54 -44.71 -15.00 2.70
C VAL A 54 -43.32 -15.58 2.90
N ASP A 55 -43.10 -16.27 4.01
CA ASP A 55 -41.75 -16.70 4.33
C ASP A 55 -41.22 -17.91 3.55
N SER A 56 -42.11 -18.69 2.94
CA SER A 56 -41.66 -19.68 1.97
C SER A 56 -41.24 -18.97 0.68
N LEU A 57 -41.81 -17.80 0.43
CA LEU A 57 -41.35 -16.92 -0.64
C LEU A 57 -39.94 -16.39 -0.33
N ALA A 58 -39.74 -15.92 0.90
CA ALA A 58 -38.46 -15.36 1.28
C ALA A 58 -37.38 -16.43 1.26
N LEU A 59 -37.67 -17.57 1.88
CA LEU A 59 -36.69 -18.65 1.94
C LEU A 59 -36.36 -19.17 0.55
N LYS A 60 -37.34 -19.21 -0.33
CA LYS A 60 -37.08 -19.62 -1.71
C LYS A 60 -36.13 -18.60 -2.34
N GLY A 61 -36.40 -17.33 -2.07
CA GLY A 61 -35.52 -16.27 -2.53
C GLY A 61 -34.08 -16.55 -2.09
N LEU A 62 -33.90 -16.87 -0.82
CA LEU A 62 -32.57 -17.05 -0.28
C LEU A 62 -31.95 -18.31 -0.87
N ASP A 63 -32.78 -19.33 -1.06
CA ASP A 63 -32.35 -20.58 -1.69
C ASP A 63 -31.86 -20.38 -3.12
N LEU A 64 -32.62 -19.63 -3.90
CA LEU A 64 -32.24 -19.35 -5.28
C LEU A 64 -30.91 -18.60 -5.32
N TYR A 65 -30.75 -17.66 -4.40
CA TYR A 65 -29.49 -16.91 -4.31
C TYR A 65 -28.32 -17.82 -4.01
N SER A 66 -28.54 -18.78 -3.12
CA SER A 66 -27.45 -19.61 -2.64
C SER A 66 -26.93 -20.51 -3.75
N VAL A 67 -27.76 -20.66 -4.78
CA VAL A 67 -27.49 -21.63 -5.82
C VAL A 67 -27.28 -20.95 -7.18
N GLY A 68 -27.03 -19.64 -7.16
CA GLY A 68 -26.73 -18.90 -8.38
C GLY A 68 -27.87 -18.18 -9.08
N GLU A 69 -29.11 -18.59 -8.81
CA GLU A 69 -30.26 -17.97 -9.47
C GLU A 69 -30.55 -16.58 -8.92
N LYS A 70 -29.66 -15.63 -9.20
CA LYS A 70 -29.73 -14.32 -8.57
C LYS A 70 -30.89 -13.46 -9.07
N ASP A 71 -31.18 -13.57 -10.36
CA ASP A 71 -32.28 -12.82 -10.94
C ASP A 71 -33.62 -13.26 -10.36
N ASP A 72 -33.80 -14.58 -10.22
CA ASP A 72 -35.04 -15.10 -9.66
C ASP A 72 -35.11 -14.84 -8.16
N ALA A 73 -33.98 -14.96 -7.48
CA ALA A 73 -33.91 -14.67 -6.04
C ALA A 73 -34.49 -13.30 -5.75
N ALA A 74 -34.03 -12.30 -6.52
CA ALA A 74 -34.52 -10.93 -6.32
C ALA A 74 -36.04 -10.85 -6.49
N SER A 75 -36.56 -11.51 -7.52
CA SER A 75 -38.00 -11.50 -7.79
C SER A 75 -38.80 -12.05 -6.59
N TYR A 76 -38.41 -13.23 -6.11
CA TYR A 76 -39.06 -13.81 -4.95
C TYR A 76 -38.94 -12.94 -3.70
N VAL A 77 -37.76 -12.35 -3.46
CA VAL A 77 -37.58 -11.49 -2.28
C VAL A 77 -38.47 -10.26 -2.38
N ALA A 78 -38.47 -9.61 -3.54
CA ALA A 78 -39.26 -8.41 -3.76
C ALA A 78 -40.73 -8.74 -3.56
N ASN A 79 -41.10 -9.92 -4.03
CA ASN A 79 -42.47 -10.43 -3.89
C ASN A 79 -42.86 -10.54 -2.43
N ALA A 80 -42.09 -11.32 -1.67
CA ALA A 80 -42.33 -11.48 -0.25
C ALA A 80 -42.49 -10.12 0.45
N ILE A 81 -41.71 -9.13 0.03
CA ILE A 81 -41.70 -7.83 0.71
C ILE A 81 -42.90 -6.95 0.36
N ARG A 82 -43.42 -7.08 -0.86
CA ARG A 82 -44.67 -6.43 -1.22
C ARG A 82 -45.80 -7.01 -0.36
N LYS A 83 -45.85 -8.34 -0.30
CA LYS A 83 -46.87 -9.04 0.48
C LYS A 83 -46.67 -8.87 1.98
N ILE A 84 -45.84 -7.89 2.35
CA ILE A 84 -45.62 -7.55 3.76
C ILE A 84 -45.98 -6.08 4.01
N GLU A 85 -47.27 -5.78 3.86
CA GLU A 85 -47.76 -4.42 4.10
C GLU A 85 -47.72 -4.10 5.59
N GLY A 86 -48.21 -5.04 6.40
CA GLY A 86 -48.27 -4.85 7.83
C GLY A 86 -46.94 -4.47 8.46
N ALA A 87 -45.86 -4.68 7.70
CA ALA A 87 -44.51 -4.46 8.22
C ALA A 87 -44.20 -5.44 9.35
N SER A 88 -45.25 -6.10 9.83
CA SER A 88 -45.13 -7.12 10.86
C SER A 88 -45.09 -8.50 10.21
N ALA A 89 -43.89 -8.93 9.84
CA ALA A 89 -43.67 -10.28 9.32
C ALA A 89 -43.21 -11.15 10.47
N SER A 90 -43.05 -12.44 10.22
CA SER A 90 -42.58 -13.34 11.27
C SER A 90 -41.08 -13.16 11.52
N PRO A 91 -40.65 -13.40 12.77
CA PRO A 91 -39.23 -13.33 13.14
C PRO A 91 -38.35 -14.13 12.19
N ILE A 92 -38.80 -15.32 11.81
CA ILE A 92 -38.03 -16.14 10.88
C ILE A 92 -37.98 -15.51 9.49
N CYS A 93 -39.08 -14.93 9.04
CA CYS A 93 -39.08 -14.30 7.72
C CYS A 93 -38.09 -13.14 7.70
N CYS A 94 -38.15 -12.33 8.76
CA CYS A 94 -37.27 -11.18 8.93
C CYS A 94 -35.81 -11.60 8.92
N HIS A 95 -35.50 -12.64 9.69
CA HIS A 95 -34.16 -13.19 9.73
C HIS A 95 -33.71 -13.60 8.32
N VAL A 96 -34.55 -14.33 7.61
CA VAL A 96 -34.19 -14.81 6.27
C VAL A 96 -33.90 -13.63 5.35
N LEU A 97 -34.69 -12.57 5.46
CA LEU A 97 -34.46 -11.39 4.64
C LEU A 97 -33.16 -10.68 5.07
N GLY A 98 -32.87 -10.71 6.37
CA GLY A 98 -31.65 -10.10 6.86
C GLY A 98 -30.46 -10.75 6.19
N ILE A 99 -30.45 -12.08 6.21
CA ILE A 99 -29.39 -12.83 5.56
C ILE A 99 -29.30 -12.50 4.08
N TYR A 100 -30.45 -12.49 3.39
CA TYR A 100 -30.46 -12.24 1.95
C TYR A 100 -29.88 -10.86 1.63
N MET A 101 -30.22 -9.87 2.44
CA MET A 101 -29.76 -8.50 2.21
C MET A 101 -28.28 -8.38 2.46
N ARG A 102 -27.78 -9.12 3.44
CA ARG A 102 -26.35 -9.14 3.70
C ARG A 102 -25.59 -9.80 2.55
N ASN A 103 -26.14 -10.85 1.96
CA ASN A 103 -25.49 -11.50 0.82
C ASN A 103 -25.39 -10.57 -0.39
N THR A 104 -26.41 -9.74 -0.59
CA THR A 104 -26.45 -8.83 -1.73
C THR A 104 -25.84 -7.50 -1.36
N LYS A 105 -25.36 -7.41 -0.13
CA LYS A 105 -24.65 -6.24 0.34
C LYS A 105 -25.51 -4.99 0.42
N GLU A 106 -26.77 -5.19 0.79
CA GLU A 106 -27.64 -4.10 1.18
C GLU A 106 -27.61 -4.01 2.71
N TYR A 107 -26.48 -3.54 3.24
CA TYR A 107 -26.22 -3.57 4.68
C TYR A 107 -27.24 -2.82 5.51
N LYS A 108 -27.62 -1.62 5.07
CA LYS A 108 -28.68 -0.89 5.75
C LYS A 108 -29.97 -1.70 5.75
N GLU A 109 -30.35 -2.25 4.60
CA GLU A 109 -31.54 -3.09 4.53
C GLU A 109 -31.43 -4.30 5.46
N SER A 110 -30.25 -4.93 5.48
CA SER A 110 -30.03 -6.08 6.34
C SER A 110 -30.24 -5.73 7.81
N ILE A 111 -29.75 -4.56 8.21
CA ILE A 111 -29.95 -4.08 9.56
C ILE A 111 -31.43 -3.91 9.94
N LYS A 112 -32.22 -3.34 9.04
CA LYS A 112 -33.65 -3.18 9.31
C LYS A 112 -34.33 -4.52 9.55
N TRP A 113 -34.05 -5.50 8.69
CA TRP A 113 -34.69 -6.81 8.80
C TRP A 113 -34.26 -7.58 10.06
N PHE A 114 -32.96 -7.60 10.33
CA PHE A 114 -32.43 -8.23 11.54
C PHE A 114 -33.04 -7.63 12.81
N THR A 115 -33.27 -6.32 12.81
CA THR A 115 -33.84 -5.70 14.00
C THR A 115 -35.33 -5.98 14.05
N ALA A 116 -35.96 -6.02 12.88
CA ALA A 116 -37.37 -6.40 12.81
C ALA A 116 -37.54 -7.81 13.37
N ALA A 117 -36.59 -8.69 13.07
CA ALA A 117 -36.65 -10.05 13.62
C ALA A 117 -36.74 -10.03 15.16
N LEU A 118 -35.88 -9.23 15.78
CA LEU A 118 -35.91 -9.08 17.23
C LEU A 118 -37.15 -8.34 17.72
N ASN A 119 -37.62 -7.37 16.93
CA ASN A 119 -38.78 -6.58 17.31
C ASN A 119 -40.07 -7.41 17.24
N ASN A 120 -40.01 -8.51 16.49
CA ASN A 120 -41.16 -9.38 16.35
C ASN A 120 -41.03 -10.64 17.21
N GLY A 121 -40.11 -10.60 18.17
CA GLY A 121 -39.97 -11.66 19.16
C GLY A 121 -38.94 -12.76 18.94
N SER A 122 -37.95 -12.55 18.06
CA SER A 122 -36.91 -13.56 17.91
C SER A 122 -36.14 -13.74 19.21
N THR A 123 -35.69 -14.95 19.49
CA THR A 123 -34.92 -15.21 20.69
C THR A 123 -33.45 -15.56 20.35
N ASN A 124 -33.11 -15.43 19.08
CA ASN A 124 -31.74 -15.69 18.65
C ASN A 124 -30.83 -14.52 19.03
N LYS A 125 -30.02 -14.70 20.07
CA LYS A 125 -29.11 -13.62 20.51
C LYS A 125 -27.99 -13.35 19.50
N GLN A 126 -27.71 -14.34 18.64
CA GLN A 126 -26.68 -14.21 17.63
C GLN A 126 -27.01 -13.09 16.63
N ILE A 127 -28.27 -12.70 16.54
CA ILE A 127 -28.64 -11.58 15.68
C ILE A 127 -27.90 -10.29 16.09
N TYR A 128 -27.62 -10.13 17.38
CA TYR A 128 -26.93 -8.95 17.89
C TYR A 128 -25.49 -8.92 17.39
N ARG A 129 -24.85 -10.07 17.38
CA ARG A 129 -23.53 -10.20 16.79
C ARG A 129 -23.58 -9.86 15.29
N ASP A 130 -24.58 -10.37 14.57
CA ASP A 130 -24.69 -10.10 13.14
C ASP A 130 -24.92 -8.60 12.93
N LEU A 131 -25.67 -7.98 13.83
CA LEU A 131 -25.97 -6.56 13.73
C LEU A 131 -24.72 -5.71 13.97
N ALA A 132 -23.95 -6.09 14.98
CA ALA A 132 -22.75 -5.32 15.35
C ALA A 132 -21.78 -5.24 14.17
N THR A 133 -21.58 -6.37 13.50
CA THR A 133 -20.79 -6.42 12.27
C THR A 133 -21.30 -5.47 11.19
N LEU A 134 -22.59 -5.55 10.90
CA LEU A 134 -23.18 -4.72 9.86
C LEU A 134 -23.11 -3.24 10.22
N GLN A 135 -23.41 -2.91 11.48
CA GLN A 135 -23.41 -1.53 11.90
C GLN A 135 -22.00 -0.95 11.90
N SER A 136 -21.02 -1.74 12.33
CA SER A 136 -19.63 -1.32 12.27
C SER A 136 -19.25 -1.07 10.82
N GLN A 137 -19.69 -1.96 9.93
CA GLN A 137 -19.36 -1.88 8.52
C GLN A 137 -19.87 -0.61 7.83
N ILE A 138 -21.02 -0.09 8.25
CA ILE A 138 -21.56 1.11 7.61
C ILE A 138 -21.17 2.37 8.37
N GLY A 139 -20.31 2.21 9.38
CA GLY A 139 -19.84 3.34 10.16
C GLY A 139 -20.77 3.82 11.27
N ASP A 140 -21.83 3.06 11.56
CA ASP A 140 -22.75 3.42 12.65
C ASP A 140 -22.28 2.82 13.99
N PHE A 141 -21.26 3.41 14.57
CA PHE A 141 -20.63 2.77 15.72
C PHE A 141 -21.41 3.01 16.99
N LYS A 142 -22.24 4.05 16.99
CA LYS A 142 -23.14 4.25 18.11
C LYS A 142 -24.10 3.06 18.27
N ASN A 143 -24.75 2.66 17.19
CA ASN A 143 -25.62 1.48 17.26
C ASN A 143 -24.89 0.16 17.38
N ALA A 144 -23.69 0.07 16.79
CA ALA A 144 -22.87 -1.13 16.92
C ALA A 144 -22.53 -1.37 18.39
N LEU A 145 -22.26 -0.29 19.10
CA LEU A 145 -21.95 -0.38 20.53
C LEU A 145 -23.15 -0.95 21.30
N VAL A 146 -24.35 -0.50 20.97
CA VAL A 146 -25.57 -1.03 21.59
C VAL A 146 -25.64 -2.55 21.36
N SER A 147 -25.46 -2.99 20.12
CA SER A 147 -25.51 -4.42 19.82
C SER A 147 -24.43 -5.22 20.56
N ARG A 148 -23.24 -4.64 20.70
CA ARG A 148 -22.16 -5.31 21.44
C ARG A 148 -22.51 -5.47 22.91
N LYS A 149 -23.09 -4.42 23.51
CA LYS A 149 -23.56 -4.52 24.89
C LYS A 149 -24.61 -5.63 25.05
N LYS A 150 -25.53 -5.69 24.10
CA LYS A 150 -26.60 -6.69 24.18
C LYS A 150 -26.09 -8.11 23.99
N TYR A 151 -25.10 -8.28 23.11
CA TYR A 151 -24.52 -9.60 22.95
C TYR A 151 -23.66 -9.98 24.16
N TRP A 152 -22.86 -9.03 24.62
CA TRP A 152 -21.96 -9.23 25.76
C TRP A 152 -22.72 -9.69 27.01
N GLU A 153 -23.82 -9.05 27.31
CA GLU A 153 -24.55 -9.41 28.53
C GLU A 153 -25.20 -10.80 28.42
N ALA A 154 -25.53 -11.22 27.20
CA ALA A 154 -26.00 -12.59 26.96
C ALA A 154 -24.88 -13.62 27.07
N PHE A 155 -23.63 -13.19 26.87
CA PHE A 155 -22.51 -14.12 26.84
C PHE A 155 -21.25 -13.57 27.52
N LEU A 156 -21.36 -13.36 28.83
CA LEU A 156 -20.30 -12.73 29.62
C LEU A 156 -19.07 -13.62 29.77
N GLY A 157 -19.21 -14.90 29.44
CA GLY A 157 -18.10 -15.84 29.58
C GLY A 157 -17.08 -15.90 28.45
N TYR A 158 -17.38 -15.31 27.29
CA TYR A 158 -16.41 -15.31 26.18
C TYR A 158 -15.55 -14.04 26.09
N ARG A 159 -14.24 -14.19 26.20
CA ARG A 159 -13.37 -13.00 26.18
C ARG A 159 -13.60 -12.13 24.94
N ALA A 160 -13.86 -12.75 23.80
CA ALA A 160 -14.01 -11.98 22.57
C ALA A 160 -15.10 -10.94 22.72
N ASN A 161 -16.13 -11.23 23.51
CA ASN A 161 -17.20 -10.26 23.70
C ASN A 161 -16.77 -9.07 24.55
N TRP A 162 -15.82 -9.28 25.44
CA TRP A 162 -15.30 -8.16 26.24
C TRP A 162 -14.43 -7.28 25.36
N THR A 163 -13.57 -7.90 24.57
CA THR A 163 -12.70 -7.14 23.67
C THR A 163 -13.53 -6.32 22.67
N SER A 164 -14.54 -6.92 22.07
CA SER A 164 -15.34 -6.15 21.13
C SER A 164 -16.09 -5.03 21.82
N LEU A 165 -16.56 -5.26 23.05
CA LEU A 165 -17.27 -4.20 23.75
C LEU A 165 -16.32 -3.01 24.01
N ALA A 166 -15.11 -3.32 24.45
CA ALA A 166 -14.11 -2.29 24.75
C ALA A 166 -13.75 -1.50 23.48
N VAL A 167 -13.45 -2.23 22.41
CA VAL A 167 -13.20 -1.61 21.11
C VAL A 167 -14.36 -0.71 20.69
N ALA A 168 -15.59 -1.23 20.72
CA ALA A 168 -16.75 -0.41 20.34
C ALA A 168 -16.81 0.86 21.20
N GLN A 169 -16.46 0.74 22.47
CA GLN A 169 -16.47 1.88 23.35
C GLN A 169 -15.41 2.90 22.93
N ASP A 170 -14.19 2.42 22.71
CA ASP A 170 -13.09 3.26 22.27
C ASP A 170 -13.44 3.98 20.95
N VAL A 171 -14.00 3.26 20.00
CA VAL A 171 -14.40 3.87 18.74
C VAL A 171 -15.46 4.96 18.91
N ASN A 172 -16.33 4.83 19.92
CA ASN A 172 -17.29 5.90 20.21
C ASN A 172 -16.75 7.04 21.07
N GLY A 173 -15.47 7.03 21.39
CA GLY A 173 -14.88 8.09 22.21
C GLY A 173 -14.92 7.86 23.72
N GLU A 174 -15.48 6.72 24.13
CA GLU A 174 -15.60 6.43 25.56
C GLU A 174 -14.36 5.71 26.04
N ARG A 175 -13.27 6.44 26.04
CA ARG A 175 -11.96 5.91 26.36
C ARG A 175 -11.86 5.33 27.75
N GLN A 176 -12.38 6.07 28.75
CA GLN A 176 -12.40 5.59 30.13
C GLN A 176 -13.25 4.31 30.27
N GLN A 177 -14.43 4.31 29.67
CA GLN A 177 -15.24 3.10 29.63
C GLN A 177 -14.48 1.91 29.02
N ALA A 178 -13.82 2.12 27.89
CA ALA A 178 -13.09 1.04 27.23
C ALA A 178 -12.00 0.50 28.14
N ILE A 179 -11.25 1.40 28.78
CA ILE A 179 -10.21 0.99 29.72
C ILE A 179 -10.78 0.20 30.90
N ASN A 180 -11.95 0.61 31.35
CA ASN A 180 -12.61 -0.04 32.46
C ASN A 180 -13.12 -1.44 32.07
N THR A 181 -13.67 -1.57 30.87
CA THR A 181 -14.07 -2.88 30.37
C THR A 181 -12.90 -3.88 30.30
N LEU A 182 -11.76 -3.43 29.78
CA LEU A 182 -10.59 -4.29 29.70
C LEU A 182 -10.09 -4.65 31.09
N SER A 183 -10.10 -3.68 32.00
CA SER A 183 -9.71 -3.98 33.38
C SER A 183 -10.62 -5.05 33.99
N GLN A 184 -11.92 -4.97 33.71
CA GLN A 184 -12.83 -5.98 34.24
C GLN A 184 -12.46 -7.40 33.81
N PHE A 185 -12.18 -7.60 32.52
CA PHE A 185 -11.87 -8.96 32.09
C PHE A 185 -10.57 -9.47 32.69
N GLU A 186 -9.58 -8.59 32.78
CA GLU A 186 -8.33 -8.94 33.44
C GLU A 186 -8.60 -9.59 34.78
N LYS A 187 -9.59 -9.05 35.51
CA LYS A 187 -9.90 -9.56 36.84
C LYS A 187 -10.44 -10.99 36.75
N LEU A 188 -11.36 -11.22 35.82
CA LEU A 188 -11.95 -12.53 35.62
C LEU A 188 -10.89 -13.57 35.26
N ALA A 189 -9.96 -13.16 34.41
CA ALA A 189 -8.93 -14.05 33.87
C ALA A 189 -7.71 -14.18 34.77
N GLU A 190 -7.67 -13.38 35.84
CA GLU A 190 -6.47 -13.24 36.68
C GLU A 190 -5.73 -14.54 36.96
N GLY A 191 -6.43 -15.65 36.99
CA GLY A 191 -5.78 -16.92 37.27
C GLY A 191 -5.88 -17.93 36.15
N LYS A 192 -6.82 -17.73 35.24
CA LYS A 192 -7.17 -18.75 34.26
C LYS A 192 -6.68 -18.44 32.86
N ILE A 193 -5.46 -17.92 32.75
CA ILE A 193 -4.86 -17.68 31.45
C ILE A 193 -4.04 -18.88 30.98
N SER A 194 -4.65 -19.72 30.17
CA SER A 194 -3.94 -20.87 29.61
C SER A 194 -2.84 -20.37 28.68
N ASP A 195 -1.98 -21.28 28.24
CA ASP A 195 -0.94 -20.97 27.28
C ASP A 195 -1.57 -20.56 25.96
N SER A 196 -2.73 -21.15 25.69
CA SER A 196 -3.46 -20.88 24.46
C SER A 196 -3.99 -19.45 24.46
N GLU A 197 -3.93 -18.81 25.62
CA GLU A 197 -4.55 -17.50 25.81
C GLU A 197 -3.56 -16.36 26.09
N LYS A 198 -2.27 -16.67 26.20
CA LYS A 198 -1.29 -15.66 26.58
C LYS A 198 -1.15 -14.55 25.53
N TYR A 199 -1.27 -14.91 24.25
CA TYR A 199 -1.12 -13.93 23.17
C TYR A 199 -2.23 -12.87 23.20
N GLU A 200 -3.48 -13.32 23.23
CA GLU A 200 -4.64 -12.43 23.32
C GLU A 200 -4.52 -11.54 24.54
N HIS A 201 -4.10 -12.14 25.65
CA HIS A 201 -3.92 -11.40 26.88
C HIS A 201 -2.88 -10.29 26.65
N SER A 202 -1.75 -10.67 26.05
CA SER A 202 -0.69 -9.72 25.73
C SER A 202 -1.23 -8.53 24.93
N GLU A 203 -1.92 -8.81 23.83
CA GLU A 203 -2.57 -7.78 23.00
C GLU A 203 -3.56 -6.87 23.75
N CYS A 204 -4.36 -7.44 24.65
CA CYS A 204 -5.35 -6.64 25.39
C CYS A 204 -4.69 -5.73 26.41
N LEU A 205 -3.62 -6.21 27.03
CA LEU A 205 -2.80 -5.36 27.88
C LEU A 205 -2.18 -4.17 27.10
N MET A 206 -1.56 -4.43 25.94
CA MET A 206 -0.98 -3.34 25.13
C MET A 206 -2.08 -2.41 24.64
N TYR A 207 -3.22 -2.97 24.25
CA TYR A 207 -4.33 -2.14 23.77
C TYR A 207 -4.83 -1.19 24.89
N LYS A 208 -4.95 -1.71 26.09
CA LYS A 208 -5.33 -0.85 27.20
C LYS A 208 -4.30 0.27 27.41
N ASN A 209 -3.02 -0.07 27.31
CA ASN A 209 -1.98 0.95 27.43
C ASN A 209 -2.13 2.03 26.36
N ASP A 210 -2.49 1.63 25.14
CA ASP A 210 -2.74 2.56 24.04
C ASP A 210 -3.82 3.55 24.42
N ILE A 211 -4.92 3.04 24.96
CA ILE A 211 -6.03 3.91 25.25
C ILE A 211 -5.66 4.87 26.39
N MET A 212 -4.96 4.35 27.41
CA MET A 212 -4.54 5.18 28.51
C MET A 212 -3.57 6.24 28.01
N TYR A 213 -2.77 5.86 27.01
CA TYR A 213 -1.74 6.75 26.49
C TYR A 213 -2.36 7.94 25.78
N LYS A 214 -3.30 7.68 24.87
CA LYS A 214 -4.03 8.73 24.17
C LYS A 214 -4.70 9.65 25.17
N ALA A 215 -5.37 9.07 26.16
CA ALA A 215 -6.14 9.84 27.14
C ALA A 215 -5.25 10.77 27.95
N ALA A 216 -4.01 10.37 28.15
CA ALA A 216 -3.08 11.10 28.98
C ALA A 216 -2.61 12.39 28.31
N SER A 217 -2.71 12.46 27.00
CA SER A 217 -2.24 13.64 26.27
C SER A 217 -0.87 14.11 26.78
N ASP A 218 -0.73 15.40 27.03
CA ASP A 218 0.55 15.95 27.50
C ASP A 218 0.65 16.07 29.03
N ASN A 219 -0.36 15.58 29.74
CA ASN A 219 -0.37 15.60 31.19
C ASN A 219 0.72 14.72 31.80
N GLN A 220 1.63 15.36 32.54
CA GLN A 220 2.81 14.71 33.11
C GLN A 220 2.49 13.61 34.12
N ASP A 221 1.55 13.87 35.03
CA ASP A 221 1.14 12.86 36.00
C ASP A 221 0.45 11.67 35.34
N LYS A 222 -0.48 11.95 34.43
CA LYS A 222 -1.11 10.89 33.66
C LYS A 222 -0.07 10.06 32.89
N LEU A 223 0.85 10.73 32.20
CA LEU A 223 1.89 10.04 31.43
C LEU A 223 2.71 9.16 32.35
N GLN A 224 2.91 9.63 33.58
CA GLN A 224 3.71 8.89 34.53
C GLN A 224 3.00 7.58 34.91
N ASN A 225 1.67 7.63 34.99
CA ASN A 225 0.87 6.43 35.22
C ASN A 225 0.87 5.46 34.03
N VAL A 226 0.85 6.01 32.82
CA VAL A 226 0.90 5.17 31.62
C VAL A 226 2.21 4.40 31.61
N LEU A 227 3.27 5.07 32.04
CA LEU A 227 4.59 4.47 32.15
C LEU A 227 4.66 3.32 33.16
N LYS A 228 4.15 3.55 34.36
CA LYS A 228 4.15 2.49 35.37
C LYS A 228 3.31 1.31 34.90
N HIS A 229 2.16 1.58 34.30
CA HIS A 229 1.36 0.49 33.72
C HIS A 229 2.19 -0.27 32.71
N LEU A 230 2.88 0.46 31.83
CA LEU A 230 3.68 -0.19 30.80
C LEU A 230 4.77 -1.05 31.46
N ASN A 231 5.40 -0.53 32.50
CA ASN A 231 6.40 -1.30 33.24
C ASN A 231 5.81 -2.54 33.93
N ASP A 232 4.58 -2.45 34.44
CA ASP A 232 3.92 -3.59 35.09
C ASP A 232 3.51 -4.71 34.14
N ILE A 233 3.14 -4.37 32.92
CA ILE A 233 2.63 -5.39 31.99
C ILE A 233 3.73 -6.06 31.18
N GLU A 234 4.90 -5.44 31.17
CA GLU A 234 6.00 -5.84 30.30
C GLU A 234 6.25 -7.35 30.29
N PRO A 235 6.30 -7.97 31.48
CA PRO A 235 6.51 -9.44 31.54
C PRO A 235 5.43 -10.20 30.79
N CYS A 236 4.23 -9.64 30.69
CA CYS A 236 3.14 -10.34 30.03
C CYS A 236 2.89 -9.86 28.60
N VAL A 237 3.69 -8.91 28.13
CA VAL A 237 3.56 -8.41 26.77
C VAL A 237 4.63 -8.96 25.84
N PHE A 238 4.20 -9.64 24.77
CA PHE A 238 5.10 -10.28 23.80
C PHE A 238 5.51 -9.37 22.62
N ASP A 239 4.78 -8.29 22.40
CA ASP A 239 5.17 -7.28 21.40
C ASP A 239 6.21 -6.32 22.00
N LYS A 240 7.45 -6.77 22.06
CA LYS A 240 8.51 -5.97 22.68
C LYS A 240 8.81 -4.69 21.88
N PHE A 241 8.75 -4.76 20.56
CA PHE A 241 8.93 -3.57 19.72
C PHE A 241 7.91 -2.49 20.05
N GLY A 242 6.63 -2.88 20.05
CA GLY A 242 5.56 -1.96 20.33
C GLY A 242 5.73 -1.33 21.70
N LEU A 243 6.14 -2.13 22.67
CA LEU A 243 6.25 -1.67 24.04
C LEU A 243 7.44 -0.72 24.20
N LEU A 244 8.57 -1.06 23.58
CA LEU A 244 9.74 -0.16 23.62
C LEU A 244 9.46 1.17 22.91
N GLU A 245 8.81 1.13 21.75
CA GLU A 245 8.44 2.38 21.09
C GLU A 245 7.52 3.25 21.96
N ARG A 246 6.53 2.62 22.59
CA ARG A 246 5.64 3.34 23.46
C ARG A 246 6.44 3.93 24.61
N LYS A 247 7.38 3.15 25.14
CA LYS A 247 8.13 3.57 26.32
C LYS A 247 9.00 4.79 26.04
N ALA A 248 9.67 4.77 24.89
CA ALA A 248 10.51 5.88 24.45
C ALA A 248 9.70 7.15 24.24
N THR A 249 8.56 7.01 23.58
CA THR A 249 7.68 8.15 23.33
C THR A 249 7.19 8.78 24.63
N ILE A 250 6.90 7.95 25.62
CA ILE A 250 6.48 8.46 26.91
C ILE A 250 7.63 9.26 27.56
N TYR A 251 8.81 8.66 27.64
CA TYR A 251 9.98 9.38 28.17
C TYR A 251 10.16 10.74 27.47
N MET A 252 10.10 10.77 26.14
CA MET A 252 10.18 12.03 25.42
C MET A 252 9.14 13.05 25.92
N LYS A 253 7.89 12.63 26.01
CA LYS A 253 6.81 13.51 26.45
C LYS A 253 6.96 13.93 27.92
N LEU A 254 7.67 13.13 28.71
CA LEU A 254 7.98 13.45 30.10
C LEU A 254 9.22 14.35 30.23
N GLY A 255 9.87 14.65 29.11
CA GLY A 255 11.14 15.36 29.11
C GLY A 255 12.31 14.58 29.69
N GLN A 256 12.14 13.27 29.88
CA GLN A 256 13.21 12.39 30.33
C GLN A 256 14.04 11.85 29.14
N LEU A 257 14.85 12.73 28.58
CA LEU A 257 15.56 12.48 27.33
C LEU A 257 16.63 11.39 27.42
N LYS A 258 17.46 11.43 28.45
CA LYS A 258 18.45 10.39 28.63
C LYS A 258 17.76 9.05 28.69
N ASP A 259 16.61 8.99 29.36
CA ASP A 259 15.85 7.74 29.48
C ASP A 259 15.40 7.25 28.10
N ALA A 260 14.86 8.16 27.31
CA ALA A 260 14.41 7.84 25.97
C ALA A 260 15.57 7.35 25.12
N SER A 261 16.77 7.92 25.33
CA SER A 261 17.92 7.57 24.47
C SER A 261 18.35 6.13 24.72
N ILE A 262 18.27 5.67 25.97
CA ILE A 262 18.54 4.27 26.27
C ILE A 262 17.55 3.37 25.51
N VAL A 263 16.26 3.72 25.56
CA VAL A 263 15.27 2.91 24.85
C VAL A 263 15.52 2.92 23.35
N TYR A 264 15.81 4.07 22.78
CA TYR A 264 16.08 4.11 21.33
C TYR A 264 17.31 3.26 20.96
N ARG A 265 18.34 3.28 21.81
CA ARG A 265 19.52 2.45 21.56
C ARG A 265 19.14 0.99 21.67
N THR A 266 18.16 0.70 22.52
CA THR A 266 17.65 -0.65 22.67
C THR A 266 16.90 -1.05 21.39
N LEU A 267 16.14 -0.12 20.83
CA LEU A 267 15.42 -0.36 19.58
C LEU A 267 16.38 -0.55 18.41
N ILE A 268 17.39 0.32 18.32
CA ILE A 268 18.40 0.18 17.28
C ILE A 268 19.09 -1.18 17.37
N LYS A 269 19.43 -1.61 18.59
CA LYS A 269 20.05 -2.92 18.73
C LYS A 269 19.13 -4.07 18.25
N ARG A 270 17.82 -3.90 18.39
CA ARG A 270 16.87 -4.92 17.94
C ARG A 270 16.68 -4.89 16.43
N ASN A 271 16.83 -3.70 15.84
CA ASN A 271 16.76 -3.56 14.39
C ASN A 271 17.62 -2.39 13.91
N PRO A 272 18.93 -2.62 13.77
CA PRO A 272 19.87 -1.57 13.38
C PRO A 272 19.68 -1.14 11.93
N ASP A 273 18.71 -1.75 11.24
CA ASP A 273 18.46 -1.44 9.84
C ASP A 273 17.24 -0.54 9.64
N ASN A 274 16.65 -0.08 10.75
CA ASN A 274 15.51 0.82 10.72
C ASN A 274 16.01 2.28 10.93
N PHE A 275 15.97 3.12 9.89
CA PHE A 275 16.48 4.48 10.00
C PHE A 275 15.82 5.29 11.09
N LYS A 276 14.54 5.06 11.30
CA LYS A 276 13.74 5.92 12.16
C LYS A 276 14.29 6.05 13.58
N TYR A 277 14.81 4.97 14.14
CA TYR A 277 15.27 4.98 15.53
C TYR A 277 16.52 5.84 15.69
N TYR A 278 17.32 5.94 14.63
CA TYR A 278 18.55 6.72 14.69
C TYR A 278 18.25 8.20 14.77
N LYS A 279 17.26 8.64 13.98
CA LYS A 279 16.85 10.05 14.00
C LYS A 279 16.18 10.41 15.33
N LEU A 280 15.38 9.51 15.87
CA LEU A 280 14.83 9.74 17.21
C LEU A 280 15.96 9.76 18.26
N LEU A 281 16.98 8.93 18.09
CA LEU A 281 18.10 8.93 19.03
C LEU A 281 18.77 10.31 19.07
N GLU A 282 19.03 10.90 17.90
CA GLU A 282 19.59 12.24 17.80
C GLU A 282 18.79 13.23 18.62
N VAL A 283 17.47 13.20 18.44
CA VAL A 283 16.60 14.13 19.13
C VAL A 283 16.69 13.93 20.63
N SER A 284 16.69 12.67 21.07
CA SER A 284 16.75 12.39 22.51
C SER A 284 18.09 12.79 23.14
N LEU A 285 19.14 12.91 22.33
CA LEU A 285 20.45 13.34 22.86
C LEU A 285 20.62 14.87 22.74
N GLY A 286 19.69 15.51 22.03
CA GLY A 286 19.73 16.95 21.87
C GLY A 286 20.73 17.38 20.81
N ILE A 287 21.11 16.46 19.93
CA ILE A 287 22.17 16.78 18.97
C ILE A 287 21.69 16.87 17.54
N GLN A 288 20.38 16.92 17.34
CA GLN A 288 19.82 16.91 15.99
C GLN A 288 20.37 18.06 15.14
N GLY A 289 20.82 19.12 15.79
CA GLY A 289 21.36 20.26 15.07
C GLY A 289 22.88 20.38 15.15
N ASP A 290 23.55 19.40 15.75
CA ASP A 290 24.99 19.46 15.99
C ASP A 290 25.79 18.51 15.10
N ASN A 291 26.31 19.03 13.99
CA ASN A 291 27.00 18.20 13.03
C ASN A 291 28.21 17.42 13.59
N LYS A 292 28.95 18.05 14.49
CA LYS A 292 30.12 17.40 15.09
C LYS A 292 29.71 16.26 16.01
N LEU A 293 28.75 16.51 16.88
CA LEU A 293 28.27 15.48 17.79
C LEU A 293 27.58 14.33 17.01
N LYS A 294 26.78 14.65 16.01
CA LYS A 294 26.20 13.58 15.18
C LYS A 294 27.30 12.77 14.50
N LYS A 295 28.36 13.45 14.06
CA LYS A 295 29.48 12.74 13.45
C LYS A 295 30.07 11.76 14.45
N ALA A 296 30.17 12.19 15.71
CA ALA A 296 30.67 11.29 16.76
C ALA A 296 29.67 10.14 17.00
N LEU A 297 28.39 10.46 17.12
CA LEU A 297 27.39 9.42 17.37
C LEU A 297 27.44 8.33 16.30
N TYR A 298 27.46 8.73 15.05
CA TYR A 298 27.46 7.74 13.96
C TYR A 298 28.77 6.95 13.81
N GLY A 299 29.90 7.57 14.15
CA GLY A 299 31.17 6.85 14.18
C GLY A 299 31.12 5.78 15.25
N LYS A 300 30.51 6.11 16.38
CA LYS A 300 30.31 5.14 17.45
C LYS A 300 29.34 4.00 17.00
N LEU A 301 28.16 4.35 16.51
CA LEU A 301 27.18 3.32 16.10
C LEU A 301 27.73 2.44 14.95
N GLU A 302 28.55 3.02 14.10
CA GLU A 302 29.17 2.32 12.98
C GLU A 302 30.00 1.12 13.45
N GLN A 303 30.64 1.26 14.61
CA GLN A 303 31.41 0.18 15.20
C GLN A 303 30.50 -0.97 15.64
N PHE A 304 29.34 -0.64 16.22
CA PHE A 304 28.38 -1.66 16.64
C PHE A 304 27.72 -2.31 15.44
N TYR A 305 27.47 -1.52 14.40
CA TYR A 305 26.65 -1.99 13.28
C TYR A 305 27.34 -1.72 11.94
N PRO A 306 28.53 -2.30 11.75
CA PRO A 306 29.37 -1.99 10.59
C PRO A 306 28.75 -2.37 9.25
N ARG A 307 27.77 -3.27 9.22
CA ARG A 307 27.16 -3.68 7.94
C ARG A 307 25.86 -2.91 7.59
N CYS A 308 25.37 -2.09 8.52
CA CYS A 308 24.05 -1.46 8.36
C CYS A 308 24.14 -0.10 7.65
N GLU A 309 23.10 0.26 6.91
CA GLU A 309 23.07 1.51 6.17
C GLU A 309 23.08 2.80 7.00
N PRO A 310 22.26 2.89 8.04
CA PRO A 310 22.09 4.21 8.67
C PRO A 310 23.40 4.87 9.17
N PRO A 311 24.26 4.12 9.87
CA PRO A 311 25.46 4.78 10.38
C PRO A 311 26.31 5.30 9.22
N LYS A 312 26.24 4.62 8.09
CA LYS A 312 27.04 5.03 6.94
C LYS A 312 26.36 6.12 6.11
N PHE A 313 25.03 6.07 6.02
CA PHE A 313 24.32 6.97 5.10
C PHE A 313 23.94 8.32 5.72
N ILE A 314 23.51 8.31 6.98
CA ILE A 314 23.04 9.55 7.58
C ILE A 314 24.06 10.72 7.54
N PRO A 315 25.34 10.43 7.78
CA PRO A 315 26.32 11.52 7.64
C PRO A 315 26.39 12.12 6.23
N LEU A 316 26.10 11.34 5.18
CA LEU A 316 26.15 11.88 3.81
C LEU A 316 25.12 12.98 3.67
N THR A 317 24.22 12.97 4.63
CA THR A 317 23.06 13.84 4.67
C THR A 317 23.35 15.21 5.29
N PHE A 318 24.43 15.32 6.07
CA PHE A 318 24.69 16.55 6.80
C PHE A 318 26.13 17.12 6.71
N LEU A 319 27.11 16.29 6.36
CA LEU A 319 28.49 16.79 6.25
C LEU A 319 28.62 17.95 5.27
N GLN A 320 29.31 18.99 5.70
CA GLN A 320 29.46 20.19 4.88
C GLN A 320 30.87 20.33 4.32
N ASP A 321 31.88 19.81 5.02
CA ASP A 321 33.25 19.90 4.51
C ASP A 321 33.36 19.07 3.24
N LYS A 322 33.76 19.70 2.14
CA LYS A 322 33.85 19.01 0.86
C LYS A 322 34.72 17.74 0.88
N GLU A 323 35.94 17.85 1.40
CA GLU A 323 36.88 16.72 1.40
C GLU A 323 36.36 15.58 2.26
N GLU A 324 35.64 15.94 3.32
CA GLU A 324 35.13 14.99 4.29
C GLU A 324 33.91 14.27 3.69
N LEU A 325 33.06 15.04 3.04
CA LEU A 325 31.87 14.50 2.41
C LEU A 325 32.30 13.58 1.26
N SER A 326 33.28 14.03 0.49
CA SER A 326 33.80 13.24 -0.63
C SER A 326 34.35 11.88 -0.18
N LYS A 327 35.06 11.86 0.94
CA LYS A 327 35.62 10.61 1.46
C LYS A 327 34.54 9.63 1.91
N LYS A 328 33.53 10.16 2.58
CA LYS A 328 32.49 9.31 3.12
C LYS A 328 31.61 8.81 1.98
N LEU A 329 31.46 9.63 0.93
CA LEU A 329 30.70 9.24 -0.24
C LEU A 329 31.40 8.08 -0.92
N ARG A 330 32.71 8.22 -1.11
CA ARG A 330 33.55 7.19 -1.69
C ARG A 330 33.43 5.88 -0.92
N GLU A 331 33.48 5.98 0.39
CA GLU A 331 33.44 4.78 1.23
C GLU A 331 32.08 4.09 1.18
N TYR A 332 31.04 4.88 0.90
CA TYR A 332 29.71 4.33 0.79
C TYR A 332 29.46 3.69 -0.58
N VAL A 333 29.88 4.36 -1.64
CA VAL A 333 29.51 3.98 -3.00
C VAL A 333 30.45 2.93 -3.63
N LEU A 334 31.76 3.15 -3.52
CA LEU A 334 32.75 2.28 -4.17
C LEU A 334 32.67 0.78 -3.82
N PRO A 335 32.51 0.45 -2.54
CA PRO A 335 32.34 -0.96 -2.15
C PRO A 335 31.10 -1.61 -2.78
N GLN A 336 30.06 -0.82 -3.03
CA GLN A 336 28.89 -1.36 -3.71
C GLN A 336 29.19 -1.61 -5.18
N LEU A 337 29.91 -0.68 -5.81
CA LEU A 337 30.27 -0.91 -7.21
C LEU A 337 31.17 -2.14 -7.31
N GLU A 338 32.09 -2.28 -6.38
CA GLU A 338 32.98 -3.44 -6.34
C GLU A 338 32.23 -4.77 -6.28
N ARG A 339 31.14 -4.84 -5.49
CA ARG A 339 30.36 -6.06 -5.36
C ARG A 339 29.34 -6.18 -6.49
N GLY A 340 29.28 -5.17 -7.35
CA GLY A 340 28.31 -5.17 -8.44
C GLY A 340 26.85 -5.03 -8.01
N VAL A 341 26.56 -4.11 -7.09
CA VAL A 341 25.20 -3.89 -6.60
C VAL A 341 24.39 -3.05 -7.60
N PRO A 342 23.36 -3.63 -8.22
CA PRO A 342 22.57 -2.87 -9.20
C PRO A 342 21.94 -1.58 -8.63
N ALA A 343 21.54 -1.60 -7.37
CA ALA A 343 20.85 -0.46 -6.76
C ALA A 343 21.78 0.64 -6.20
N THR A 344 23.06 0.57 -6.52
CA THR A 344 23.99 1.55 -5.97
C THR A 344 23.48 2.99 -6.14
N PHE A 345 23.13 3.36 -7.37
CA PHE A 345 22.67 4.72 -7.63
C PHE A 345 21.36 5.02 -6.91
N SER A 346 20.46 4.03 -6.87
CA SER A 346 19.18 4.21 -6.22
C SER A 346 19.43 4.51 -4.75
N ASN A 347 20.41 3.85 -4.18
CA ASN A 347 20.78 4.07 -2.80
C ASN A 347 21.20 5.51 -2.50
N VAL A 348 21.87 6.17 -3.44
CA VAL A 348 22.28 7.56 -3.18
C VAL A 348 21.39 8.62 -3.83
N LYS A 349 20.39 8.19 -4.61
CA LYS A 349 19.54 9.14 -5.33
C LYS A 349 18.93 10.26 -4.46
N PRO A 350 18.43 9.90 -3.25
CA PRO A 350 17.92 10.94 -2.35
C PRO A 350 18.92 12.08 -2.12
N LEU A 351 20.21 11.79 -2.13
CA LEU A 351 21.22 12.84 -2.04
C LEU A 351 21.26 13.71 -3.31
N TYR A 352 21.12 13.09 -4.47
CA TYR A 352 21.06 13.84 -5.71
C TYR A 352 19.79 14.70 -5.72
N GLN A 353 18.75 14.20 -5.08
CA GLN A 353 17.50 14.94 -5.01
C GLN A 353 17.57 16.13 -4.04
N ARG A 354 18.23 15.93 -2.90
CA ARG A 354 18.15 16.87 -1.79
C ARG A 354 19.40 17.72 -1.61
N ARG A 355 20.53 17.25 -2.14
CA ARG A 355 21.80 17.94 -2.02
C ARG A 355 22.49 17.94 -3.36
N LYS A 356 21.74 18.22 -4.43
CA LYS A 356 22.27 18.06 -5.77
C LYS A 356 23.60 18.79 -6.00
N SER A 357 23.62 20.11 -5.78
CA SER A 357 24.80 20.95 -6.06
C SER A 357 26.03 20.49 -5.30
N LYS A 358 25.81 20.03 -4.08
CA LYS A 358 26.87 19.56 -3.22
C LYS A 358 27.38 18.19 -3.65
N VAL A 359 26.51 17.18 -3.64
CA VAL A 359 26.94 15.78 -3.80
C VAL A 359 27.26 15.36 -5.25
N SER A 360 26.51 15.90 -6.19
CA SER A 360 26.59 15.44 -7.58
C SER A 360 27.99 15.53 -8.22
N PRO A 361 28.66 16.69 -8.11
CA PRO A 361 30.00 16.78 -8.72
C PRO A 361 31.03 15.92 -7.98
N LEU A 362 30.83 15.71 -6.69
CA LEU A 362 31.71 14.84 -5.91
C LEU A 362 31.60 13.40 -6.41
N LEU A 363 30.37 12.89 -6.48
CA LEU A 363 30.16 11.51 -6.95
C LEU A 363 30.60 11.34 -8.40
N GLU A 364 30.38 12.36 -9.22
CA GLU A 364 30.85 12.29 -10.60
C GLU A 364 32.35 12.01 -10.68
N LYS A 365 33.13 12.72 -9.88
CA LYS A 365 34.59 12.54 -9.89
C LYS A 365 34.99 11.18 -9.29
N ILE A 366 34.49 10.90 -8.08
CA ILE A 366 34.72 9.61 -7.44
C ILE A 366 34.51 8.43 -8.38
N VAL A 367 33.37 8.40 -9.06
CA VAL A 367 33.03 7.25 -9.90
C VAL A 367 33.74 7.25 -11.26
N LEU A 368 33.96 8.42 -11.84
CA LEU A 368 34.80 8.48 -13.06
C LEU A 368 36.23 8.03 -12.75
N ASP A 369 36.79 8.48 -11.63
CA ASP A 369 38.13 8.02 -11.21
C ASP A 369 38.19 6.51 -10.96
N TYR A 370 37.19 5.98 -10.28
CA TYR A 370 37.11 4.54 -10.08
C TYR A 370 37.05 3.79 -11.41
N LEU A 371 36.22 4.24 -12.33
CA LEU A 371 36.15 3.58 -13.64
C LEU A 371 37.52 3.56 -14.31
N SER A 372 38.24 4.67 -14.23
CA SER A 372 39.59 4.80 -14.82
C SER A 372 40.54 3.66 -14.49
N GLY A 373 40.45 3.12 -13.27
CA GLY A 373 41.38 2.08 -12.85
C GLY A 373 40.89 0.66 -13.05
N LEU A 374 39.78 0.48 -13.77
CA LEU A 374 39.25 -0.86 -13.95
C LEU A 374 39.61 -1.44 -15.29
N ASP A 375 40.07 -2.68 -15.28
CA ASP A 375 40.22 -3.41 -16.53
C ASP A 375 38.96 -4.23 -16.78
N PRO A 376 38.31 -4.03 -17.94
CA PRO A 376 37.08 -4.75 -18.26
C PRO A 376 37.24 -6.28 -18.25
N THR A 377 38.45 -6.77 -18.47
CA THR A 377 38.67 -8.22 -18.54
C THR A 377 38.97 -8.84 -17.19
N GLN A 378 39.78 -8.16 -16.38
CA GLN A 378 40.10 -8.67 -15.04
C GLN A 378 39.14 -8.23 -13.92
N ASP A 379 38.38 -7.16 -14.16
CA ASP A 379 37.38 -6.72 -13.18
C ASP A 379 36.03 -6.48 -13.86
N PRO A 380 35.49 -7.49 -14.55
CA PRO A 380 34.27 -7.27 -15.33
C PRO A 380 33.04 -6.85 -14.49
N ILE A 381 32.88 -7.40 -13.30
CA ILE A 381 31.70 -7.09 -12.50
C ILE A 381 31.71 -5.62 -12.06
N PRO A 382 32.79 -5.18 -11.40
CA PRO A 382 32.88 -3.75 -11.08
C PRO A 382 32.74 -2.89 -12.34
N PHE A 383 33.31 -3.37 -13.43
CA PHE A 383 33.33 -2.59 -14.67
C PHE A 383 31.93 -2.27 -15.16
N ILE A 384 31.11 -3.30 -15.37
CA ILE A 384 29.82 -3.08 -15.99
C ILE A 384 28.88 -2.34 -15.05
N TRP A 385 28.98 -2.63 -13.76
CA TRP A 385 28.10 -2.01 -12.79
C TRP A 385 28.46 -0.55 -12.53
N THR A 386 29.74 -0.21 -12.71
CA THR A 386 30.20 1.18 -12.63
C THR A 386 29.68 2.00 -13.81
N ASN A 387 29.76 1.41 -15.01
CA ASN A 387 29.14 2.01 -16.20
C ASN A 387 27.62 2.20 -16.02
N TYR A 388 26.98 1.21 -15.40
CA TYR A 388 25.56 1.26 -15.10
C TYR A 388 25.27 2.44 -14.19
N TYR A 389 26.08 2.60 -13.14
CA TYR A 389 25.91 3.73 -12.22
C TYR A 389 26.01 5.04 -12.96
N LEU A 390 27.04 5.16 -13.80
CA LEU A 390 27.31 6.43 -14.47
C LEU A 390 26.19 6.80 -15.44
N SER A 391 25.57 5.79 -16.04
CA SER A 391 24.48 6.01 -16.98
C SER A 391 23.31 6.66 -16.25
N GLN A 392 23.00 6.13 -15.06
CA GLN A 392 21.95 6.72 -14.23
C GLN A 392 22.33 8.13 -13.77
N HIS A 393 23.60 8.30 -13.42
CA HIS A 393 24.10 9.58 -12.98
C HIS A 393 23.79 10.61 -14.06
N PHE A 394 24.21 10.33 -15.29
CA PHE A 394 24.03 11.31 -16.37
C PHE A 394 22.58 11.45 -16.86
N LEU A 395 21.84 10.35 -16.87
CA LEU A 395 20.41 10.45 -17.12
C LEU A 395 19.75 11.42 -16.13
N PHE A 396 20.06 11.28 -14.85
CA PHE A 396 19.47 12.16 -13.82
C PHE A 396 19.78 13.64 -14.07
N LEU A 397 20.98 13.92 -14.55
CA LEU A 397 21.42 15.28 -14.84
C LEU A 397 21.00 15.69 -16.25
N LYS A 398 20.24 14.83 -16.93
CA LYS A 398 19.71 15.15 -18.23
C LYS A 398 20.76 15.22 -19.34
N ASP A 399 21.86 14.49 -19.18
CA ASP A 399 22.86 14.43 -20.24
C ASP A 399 22.70 13.12 -21.03
N PHE A 400 21.79 13.15 -21.99
CA PHE A 400 21.38 11.95 -22.72
C PHE A 400 22.49 11.24 -23.51
N PRO A 401 23.32 11.97 -24.27
CA PRO A 401 24.40 11.26 -24.97
C PRO A 401 25.26 10.45 -23.98
N LYS A 402 25.64 11.04 -22.86
CA LYS A 402 26.46 10.31 -21.88
C LYS A 402 25.70 9.14 -21.22
N ALA A 403 24.44 9.35 -20.89
CA ALA A 403 23.62 8.26 -20.40
C ALA A 403 23.65 7.08 -21.37
N GLN A 404 23.57 7.38 -22.68
CA GLN A 404 23.52 6.34 -23.72
C GLN A 404 24.86 5.62 -23.80
N GLU A 405 25.94 6.41 -23.81
CA GLU A 405 27.29 5.86 -23.94
C GLU A 405 27.65 4.89 -22.85
N TYR A 406 27.34 5.24 -21.59
CA TYR A 406 27.70 4.40 -20.45
C TYR A 406 26.87 3.14 -20.38
N ILE A 407 25.58 3.23 -20.71
CA ILE A 407 24.77 2.02 -20.72
C ILE A 407 25.23 1.12 -21.90
N ASP A 408 25.53 1.73 -23.04
CA ASP A 408 26.07 0.96 -24.16
C ASP A 408 27.34 0.20 -23.79
N ALA A 409 28.23 0.83 -23.02
CA ALA A 409 29.46 0.17 -22.62
C ALA A 409 29.17 -1.08 -21.79
N ALA A 410 28.15 -1.00 -20.94
CA ALA A 410 27.73 -2.13 -20.12
C ALA A 410 27.09 -3.25 -20.95
N LEU A 411 26.19 -2.87 -21.85
CA LEU A 411 25.54 -3.83 -22.75
C LEU A 411 26.52 -4.52 -23.69
N ASP A 412 27.42 -3.76 -24.31
CA ASP A 412 28.45 -4.31 -25.20
C ASP A 412 29.31 -5.34 -24.48
N HIS A 413 29.60 -5.12 -23.20
CA HIS A 413 30.42 -6.05 -22.44
C HIS A 413 29.63 -7.29 -22.02
N THR A 414 28.46 -7.09 -21.42
CA THR A 414 27.64 -8.20 -20.95
C THR A 414 26.16 -7.97 -21.30
N PRO A 415 25.70 -8.53 -22.44
CA PRO A 415 24.32 -8.30 -22.94
C PRO A 415 23.25 -9.22 -22.35
N THR A 416 23.56 -9.96 -21.29
CA THR A 416 22.60 -10.92 -20.73
C THR A 416 22.03 -10.49 -19.37
N LEU A 417 22.23 -9.23 -18.99
CA LEU A 417 21.71 -8.70 -17.74
C LEU A 417 20.52 -7.77 -18.01
N VAL A 418 19.36 -8.14 -17.48
CA VAL A 418 18.11 -7.44 -17.80
C VAL A 418 18.10 -5.99 -17.32
N GLU A 419 18.83 -5.70 -16.25
CA GLU A 419 18.89 -4.33 -15.74
C GLU A 419 19.36 -3.34 -16.81
N PHE A 420 20.25 -3.79 -17.69
CA PHE A 420 20.82 -2.87 -18.66
C PHE A 420 19.74 -2.46 -19.67
N TYR A 421 18.83 -3.38 -19.96
CA TYR A 421 17.70 -3.09 -20.84
C TYR A 421 16.67 -2.18 -20.18
N ILE A 422 16.41 -2.41 -18.89
CA ILE A 422 15.47 -1.57 -18.18
C ILE A 422 15.96 -0.12 -18.28
N LEU A 423 17.24 0.08 -18.00
CA LEU A 423 17.77 1.45 -18.02
C LEU A 423 17.77 2.03 -19.43
N LYS A 424 18.22 1.24 -20.41
CA LYS A 424 18.21 1.69 -21.81
C LYS A 424 16.79 2.09 -22.20
N ALA A 425 15.80 1.28 -21.82
CA ALA A 425 14.42 1.63 -22.07
C ALA A 425 14.01 2.96 -21.40
N ARG A 426 14.45 3.18 -20.16
CA ARG A 426 14.06 4.41 -19.45
C ARG A 426 14.60 5.63 -20.18
N ILE A 427 15.86 5.57 -20.58
CA ILE A 427 16.44 6.63 -21.42
C ILE A 427 15.54 6.96 -22.62
N LEU A 428 15.19 5.95 -23.42
CA LEU A 428 14.40 6.22 -24.62
C LEU A 428 13.03 6.76 -24.28
N LYS A 429 12.47 6.28 -23.17
CA LYS A 429 11.20 6.81 -22.67
C LYS A 429 11.31 8.30 -22.33
N HIS A 430 12.43 8.71 -21.75
CA HIS A 430 12.64 10.13 -21.50
C HIS A 430 12.82 10.92 -22.79
N LEU A 431 13.37 10.26 -23.80
CA LEU A 431 13.45 10.84 -25.14
C LEU A 431 12.10 10.87 -25.85
N GLY A 432 11.09 10.25 -25.25
CA GLY A 432 9.73 10.32 -25.79
C GLY A 432 9.46 9.30 -26.88
N LEU A 433 10.35 8.32 -27.01
CA LEU A 433 10.15 7.25 -27.99
C LEU A 433 9.52 6.04 -27.29
N MET A 434 8.19 6.08 -27.11
CA MET A 434 7.49 5.07 -26.31
C MET A 434 7.49 3.64 -26.89
N ASP A 435 7.33 3.49 -28.21
CA ASP A 435 7.34 2.15 -28.80
C ASP A 435 8.72 1.54 -28.66
N THR A 436 9.74 2.35 -28.92
CA THR A 436 11.11 1.89 -28.80
C THR A 436 11.41 1.47 -27.37
N ALA A 437 11.02 2.31 -26.41
CA ALA A 437 11.24 1.99 -25.00
C ALA A 437 10.64 0.61 -24.68
N ALA A 438 9.41 0.41 -25.12
CA ALA A 438 8.73 -0.88 -24.93
C ALA A 438 9.49 -2.02 -25.62
N GLY A 439 9.98 -1.77 -26.84
CA GLY A 439 10.68 -2.81 -27.57
C GLY A 439 11.97 -3.25 -26.89
N ILE A 440 12.66 -2.30 -26.27
CA ILE A 440 13.90 -2.58 -25.60
C ILE A 440 13.65 -3.44 -24.35
N LEU A 441 12.62 -3.07 -23.59
CA LEU A 441 12.25 -3.83 -22.41
C LEU A 441 11.91 -5.27 -22.83
N GLU A 442 11.17 -5.38 -23.93
CA GLU A 442 10.84 -6.68 -24.51
C GLU A 442 12.06 -7.53 -24.94
N GLU A 443 13.19 -6.89 -25.22
CA GLU A 443 14.41 -7.68 -25.43
C GLU A 443 14.87 -8.19 -24.07
N GLY A 444 14.87 -7.33 -23.07
CA GLY A 444 15.20 -7.74 -21.72
C GLY A 444 14.34 -8.91 -21.26
N ARG A 445 13.06 -8.87 -21.63
CA ARG A 445 12.10 -9.89 -21.23
C ARG A 445 12.45 -11.24 -21.81
N GLN A 446 12.91 -11.24 -23.06
CA GLN A 446 13.27 -12.47 -23.75
C GLN A 446 14.43 -13.21 -23.07
N LEU A 447 15.19 -12.50 -22.24
CA LEU A 447 16.27 -13.11 -21.46
C LEU A 447 15.75 -14.16 -20.49
N ASP A 448 14.59 -13.89 -19.88
CA ASP A 448 13.98 -14.79 -18.90
C ASP A 448 12.48 -14.60 -18.92
N LEU A 449 11.79 -15.44 -19.68
CA LEU A 449 10.36 -15.30 -19.87
C LEU A 449 9.58 -15.69 -18.62
N GLN A 450 10.29 -16.15 -17.60
CA GLN A 450 9.64 -16.57 -16.37
C GLN A 450 9.75 -15.51 -15.28
N ASP A 451 10.46 -14.43 -15.57
CA ASP A 451 10.53 -13.31 -14.63
C ASP A 451 9.25 -12.49 -14.72
N ARG A 452 8.37 -12.66 -13.75
CA ARG A 452 7.07 -12.00 -13.77
C ARG A 452 7.24 -10.48 -13.71
N PHE A 453 8.18 -10.03 -12.88
CA PHE A 453 8.42 -8.59 -12.69
C PHE A 453 8.77 -7.83 -13.98
N ILE A 454 9.52 -8.48 -14.88
CA ILE A 454 9.90 -7.85 -16.16
C ILE A 454 8.72 -7.94 -17.11
N ASN A 455 8.00 -9.04 -17.03
CA ASN A 455 6.78 -9.18 -17.80
C ASN A 455 5.85 -8.01 -17.51
N CYS A 456 5.70 -7.67 -16.24
CA CYS A 456 4.76 -6.62 -15.85
C CYS A 456 5.19 -5.21 -16.28
N LYS A 457 6.49 -4.91 -16.16
CA LYS A 457 7.01 -3.63 -16.61
C LYS A 457 6.88 -3.49 -18.14
N THR A 458 7.09 -4.59 -18.85
CA THR A 458 6.91 -4.65 -20.29
C THR A 458 5.43 -4.38 -20.68
N VAL A 459 4.50 -5.06 -20.01
CA VAL A 459 3.08 -4.81 -20.23
C VAL A 459 2.78 -3.32 -20.10
N LYS A 460 3.23 -2.75 -19.00
CA LYS A 460 3.05 -1.33 -18.74
C LYS A 460 3.65 -0.48 -19.87
N TYR A 461 4.86 -0.79 -20.30
CA TYR A 461 5.47 0.04 -21.35
C TYR A 461 4.71 0.00 -22.66
N PHE A 462 4.22 -1.19 -23.03
CA PHE A 462 3.41 -1.27 -24.23
C PHE A 462 2.11 -0.49 -24.07
N LEU A 463 1.54 -0.47 -22.87
CA LEU A 463 0.33 0.32 -22.69
C LEU A 463 0.65 1.81 -22.83
N ARG A 464 1.85 2.21 -22.39
CA ARG A 464 2.27 3.61 -22.47
C ARG A 464 2.44 4.00 -23.92
N ALA A 465 2.81 3.02 -24.75
CA ALA A 465 2.91 3.24 -26.19
C ALA A 465 1.54 3.11 -26.87
N ASN A 466 0.49 2.88 -26.09
CA ASN A 466 -0.85 2.65 -26.67
C ASN A 466 -0.97 1.36 -27.47
N ASN A 467 -0.04 0.44 -27.27
CA ASN A 467 -0.06 -0.85 -27.96
C ASN A 467 -0.80 -1.86 -27.08
N ILE A 468 -2.11 -1.75 -27.06
CA ILE A 468 -2.91 -2.58 -26.16
C ILE A 468 -2.86 -4.06 -26.51
N ASP A 469 -2.93 -4.36 -27.81
CA ASP A 469 -2.81 -5.75 -28.27
C ASP A 469 -1.54 -6.42 -27.77
N LYS A 470 -0.40 -5.75 -27.91
CA LYS A 470 0.87 -6.35 -27.51
C LYS A 470 0.95 -6.49 -26.00
N ALA A 471 0.41 -5.51 -25.28
CA ALA A 471 0.39 -5.57 -23.82
C ALA A 471 -0.44 -6.76 -23.34
N VAL A 472 -1.64 -6.90 -23.90
CA VAL A 472 -2.51 -8.02 -23.52
C VAL A 472 -1.81 -9.33 -23.87
N GLU A 473 -1.19 -9.39 -25.04
CA GLU A 473 -0.51 -10.61 -25.46
C GLU A 473 0.63 -10.99 -24.52
N VAL A 474 1.45 -10.01 -24.14
CA VAL A 474 2.59 -10.27 -23.26
C VAL A 474 2.11 -10.78 -21.91
N ALA A 475 1.15 -10.06 -21.32
CA ALA A 475 0.54 -10.46 -20.07
C ALA A 475 -0.18 -11.83 -20.17
N SER A 476 -0.60 -12.23 -21.35
CA SER A 476 -1.34 -13.49 -21.46
C SER A 476 -0.43 -14.73 -21.36
N LEU A 477 0.88 -14.50 -21.25
CA LEU A 477 1.80 -15.61 -21.01
C LEU A 477 1.46 -16.29 -19.68
N PHE A 478 1.05 -15.48 -18.71
CA PHE A 478 0.60 -16.03 -17.44
C PHE A 478 -0.93 -16.08 -17.41
N THR A 479 -1.49 -16.69 -18.45
CA THR A 479 -2.93 -16.79 -18.67
C THR A 479 -3.59 -17.80 -17.73
N VAL A 494 -7.78 -12.78 -15.16
CA VAL A 494 -7.88 -11.88 -14.01
C VAL A 494 -7.22 -10.53 -14.28
N GLU A 495 -7.97 -9.46 -14.05
CA GLU A 495 -7.46 -8.13 -14.31
C GLU A 495 -6.89 -7.53 -13.03
N ALA A 496 -5.68 -7.00 -13.11
CA ALA A 496 -5.10 -6.26 -12.01
C ALA A 496 -5.54 -4.81 -12.13
N SER A 497 -5.72 -4.15 -10.99
CA SER A 497 -6.12 -2.75 -10.99
C SER A 497 -5.09 -1.85 -11.66
N TRP A 498 -3.80 -2.08 -11.44
CA TRP A 498 -2.78 -1.22 -12.06
C TRP A 498 -2.85 -1.34 -13.60
N PHE A 499 -3.04 -2.56 -14.08
CA PHE A 499 -3.21 -2.80 -15.52
C PHE A 499 -4.42 -2.07 -16.05
N ILE A 500 -5.51 -2.14 -15.30
CA ILE A 500 -6.76 -1.55 -15.78
C ILE A 500 -6.67 -0.04 -15.92
N VAL A 501 -6.01 0.62 -14.96
CA VAL A 501 -5.88 2.06 -15.02
C VAL A 501 -4.89 2.47 -16.14
N GLU A 502 -3.84 1.69 -16.35
CA GLU A 502 -2.91 1.98 -17.45
C GLU A 502 -3.63 1.79 -18.79
N GLN A 503 -4.48 0.77 -18.87
CA GLN A 503 -5.24 0.56 -20.09
C GLN A 503 -6.24 1.72 -20.34
N ALA A 504 -6.88 2.21 -19.29
CA ALA A 504 -7.80 3.36 -19.41
C ALA A 504 -7.12 4.56 -20.04
N GLU A 505 -5.91 4.84 -19.58
CA GLU A 505 -5.17 6.00 -20.03
C GLU A 505 -4.75 5.83 -21.48
N ALA A 506 -4.43 4.60 -21.88
CA ALA A 506 -4.11 4.30 -23.26
C ALA A 506 -5.33 4.55 -24.16
N TYR A 507 -6.49 4.08 -23.74
CA TYR A 507 -7.71 4.28 -24.49
C TYR A 507 -8.00 5.77 -24.63
N TYR A 508 -7.75 6.53 -23.56
CA TYR A 508 -8.00 7.96 -23.60
C TYR A 508 -7.09 8.63 -24.63
N ARG A 509 -5.81 8.27 -24.62
CA ARG A 509 -4.88 8.79 -25.61
C ARG A 509 -5.29 8.39 -27.04
N LEU A 510 -5.73 7.14 -27.21
CA LEU A 510 -6.18 6.67 -28.51
C LEU A 510 -7.45 7.42 -28.94
N TYR A 511 -8.29 7.75 -27.97
CA TYR A 511 -9.46 8.57 -28.20
C TYR A 511 -9.05 9.94 -28.74
N LEU A 512 -8.14 10.60 -28.03
CA LEU A 512 -7.69 11.92 -28.44
C LEU A 512 -7.08 11.90 -29.83
N ASP A 513 -6.36 10.83 -30.16
CA ASP A 513 -5.72 10.72 -31.46
C ASP A 513 -6.75 10.53 -32.57
N ARG A 514 -7.77 9.72 -32.32
CA ARG A 514 -8.80 9.49 -33.31
C ARG A 514 -9.63 10.74 -33.54
N LYS A 515 -9.91 11.47 -32.47
CA LYS A 515 -10.66 12.73 -32.59
C LYS A 515 -9.88 13.73 -33.44
N LYS A 516 -8.57 13.81 -33.23
CA LYS A 516 -7.72 14.72 -33.98
C LYS A 516 -7.66 14.33 -35.46
N LYS A 517 -7.72 13.03 -35.73
CA LYS A 517 -7.71 12.55 -37.11
C LYS A 517 -9.06 12.84 -37.75
N LEU A 518 -10.09 12.93 -36.91
CA LEU A 518 -11.43 13.22 -37.37
C LEU A 518 -11.60 14.71 -37.65
N ASP A 519 -11.00 15.55 -36.82
CA ASP A 519 -11.08 16.99 -37.01
C ASP A 519 -10.27 17.44 -38.23
N ASP A 520 -9.12 16.81 -38.43
CA ASP A 520 -8.28 17.11 -39.59
C ASP A 520 -8.91 16.58 -40.87
N LEU A 521 -9.89 15.70 -40.71
CA LEU A 521 -10.62 15.12 -41.83
C LEU A 521 -11.89 15.94 -42.07
N ALA A 522 -11.79 17.24 -41.83
CA ALA A 522 -12.94 18.12 -41.95
C ALA A 522 -12.50 19.59 -41.90
N GLU A 529 -13.27 14.75 -57.34
CA GLU A 529 -14.29 15.34 -56.49
C GLU A 529 -15.23 14.28 -55.92
N SER A 530 -16.39 14.12 -56.55
CA SER A 530 -17.42 13.21 -56.05
C SER A 530 -17.00 11.74 -56.10
N ASP A 531 -15.93 11.44 -56.84
CA ASP A 531 -15.47 10.07 -57.00
C ASP A 531 -14.60 9.62 -55.82
N LYS A 532 -13.86 10.57 -55.24
CA LYS A 532 -13.08 10.29 -54.04
C LYS A 532 -13.78 10.87 -52.82
N SER A 533 -14.86 11.60 -53.08
CA SER A 533 -15.76 12.03 -52.02
C SER A 533 -16.57 10.83 -51.57
N GLU A 534 -16.03 9.65 -51.86
CA GLU A 534 -16.55 8.40 -51.35
C GLU A 534 -15.55 7.87 -50.34
N GLN A 535 -14.31 8.35 -50.45
CA GLN A 535 -13.25 7.97 -49.54
C GLN A 535 -13.44 8.64 -48.18
N ILE A 536 -13.33 9.96 -48.16
CA ILE A 536 -13.49 10.73 -46.92
C ILE A 536 -14.83 10.47 -46.25
N ALA A 537 -15.79 9.99 -47.02
CA ALA A 537 -17.13 9.72 -46.50
C ALA A 537 -17.14 8.49 -45.59
N ASN A 538 -16.52 7.42 -46.05
CA ASN A 538 -16.44 6.18 -45.26
C ASN A 538 -15.44 6.30 -44.11
N ASP A 539 -14.38 7.08 -44.31
CA ASP A 539 -13.34 7.26 -43.31
C ASP A 539 -13.84 8.04 -42.09
N ILE A 540 -14.54 9.15 -42.34
CA ILE A 540 -15.18 9.88 -41.27
C ILE A 540 -16.02 8.91 -40.46
N LYS A 541 -16.81 8.11 -41.16
CA LYS A 541 -17.69 7.14 -40.52
C LYS A 541 -16.90 6.10 -39.71
N GLU A 542 -15.66 5.85 -40.11
CA GLU A 542 -14.83 4.90 -39.39
C GLU A 542 -14.27 5.51 -38.12
N ASN A 543 -13.75 6.73 -38.23
CA ASN A 543 -13.13 7.41 -37.11
C ASN A 543 -14.14 7.95 -36.12
N GLN A 544 -15.39 8.13 -36.55
CA GLN A 544 -16.45 8.49 -35.63
C GLN A 544 -16.75 7.30 -34.74
N TRP A 545 -16.66 6.10 -35.32
CA TRP A 545 -16.84 4.86 -34.57
C TRP A 545 -15.73 4.68 -33.53
N LEU A 546 -14.48 4.71 -33.98
CA LEU A 546 -13.35 4.49 -33.09
C LEU A 546 -13.34 5.48 -31.94
N VAL A 547 -13.63 6.74 -32.24
CA VAL A 547 -13.66 7.79 -31.21
C VAL A 547 -14.62 7.41 -30.10
N ARG A 548 -15.79 6.91 -30.48
CA ARG A 548 -16.81 6.52 -29.52
C ARG A 548 -16.38 5.25 -28.79
N LYS A 549 -15.74 4.36 -29.53
CA LYS A 549 -15.28 3.10 -28.97
C LYS A 549 -14.25 3.40 -27.86
N TYR A 550 -13.23 4.18 -28.21
CA TYR A 550 -12.13 4.45 -27.30
C TYR A 550 -12.57 5.28 -26.11
N LYS A 551 -13.40 6.29 -26.37
CA LYS A 551 -13.88 7.16 -25.32
C LYS A 551 -14.69 6.35 -24.32
N GLY A 552 -15.54 5.48 -24.83
CA GLY A 552 -16.35 4.63 -23.98
C GLY A 552 -15.50 3.63 -23.21
N LEU A 553 -14.50 3.07 -23.89
CA LEU A 553 -13.60 2.10 -23.25
C LEU A 553 -12.75 2.74 -22.14
N ALA A 554 -12.31 3.99 -22.36
CA ALA A 554 -11.59 4.72 -21.31
C ALA A 554 -12.46 4.90 -20.07
N LEU A 555 -13.69 5.35 -20.25
CA LEU A 555 -14.60 5.56 -19.12
C LEU A 555 -14.92 4.25 -18.38
N LYS A 556 -15.17 3.19 -19.15
CA LYS A 556 -15.38 1.88 -18.56
C LYS A 556 -14.18 1.38 -17.74
N ARG A 557 -12.96 1.63 -18.22
CA ARG A 557 -11.80 1.16 -17.49
C ARG A 557 -11.59 1.97 -16.21
N PHE A 558 -11.71 3.28 -16.31
CA PHE A 558 -11.55 4.12 -15.13
C PHE A 558 -12.59 3.71 -14.08
N ASN A 559 -13.83 3.50 -14.52
CA ASN A 559 -14.91 3.19 -13.58
C ASN A 559 -14.69 1.91 -12.82
N ALA A 560 -13.90 0.99 -13.39
CA ALA A 560 -13.57 -0.24 -12.69
C ALA A 560 -12.67 0.00 -11.45
N ILE A 561 -12.01 1.15 -11.38
CA ILE A 561 -11.11 1.40 -10.25
C ILE A 561 -11.85 1.63 -8.92
N PRO A 562 -12.85 2.53 -8.91
CA PRO A 562 -13.69 2.66 -7.72
C PRO A 562 -14.38 1.34 -7.33
N LYS A 563 -14.66 0.47 -8.30
CA LYS A 563 -15.24 -0.82 -7.95
C LYS A 563 -14.25 -1.68 -7.16
N PHE A 564 -12.97 -1.64 -7.54
CA PHE A 564 -11.92 -2.32 -6.77
C PHE A 564 -11.86 -1.76 -5.35
N TYR A 565 -11.84 -0.44 -5.25
CA TYR A 565 -11.65 0.18 -3.96
C TYR A 565 -12.87 0.00 -3.03
N LYS A 566 -14.08 0.11 -3.60
CA LYS A 566 -15.27 -0.28 -2.86
C LYS A 566 -15.17 -1.75 -2.39
N GLN A 567 -14.61 -2.67 -3.19
CA GLN A 567 -14.50 -4.02 -2.66
CA GLN A 567 -14.45 -4.04 -2.72
C GLN A 567 -13.47 -4.11 -1.52
N PHE A 568 -12.38 -3.34 -1.62
CA PHE A 568 -11.42 -3.29 -0.53
C PHE A 568 -12.12 -2.82 0.76
N GLU A 569 -12.96 -1.79 0.64
CA GLU A 569 -13.74 -1.30 1.76
C GLU A 569 -14.58 -2.44 2.36
N ASP A 570 -15.24 -3.17 1.48
CA ASP A 570 -16.14 -4.25 1.85
C ASP A 570 -15.38 -5.42 2.48
N ASP A 571 -14.10 -5.57 2.11
CA ASP A 571 -13.23 -6.60 2.71
C ASP A 571 -13.06 -6.49 4.23
N GLN A 572 -13.48 -5.37 4.83
CA GLN A 572 -13.42 -5.25 6.29
C GLN A 572 -14.47 -6.08 7.03
N LEU A 573 -15.52 -6.48 6.33
CA LEU A 573 -16.71 -7.09 6.96
C LEU A 573 -16.42 -8.22 7.96
N ASP A 574 -15.63 -9.20 7.55
CA ASP A 574 -15.28 -10.36 8.38
C ASP A 574 -14.49 -9.99 9.63
N PHE A 575 -13.74 -8.89 9.58
CA PHE A 575 -12.76 -8.58 10.61
C PHE A 575 -13.34 -7.94 11.88
N HIS A 576 -14.53 -7.35 11.77
CA HIS A 576 -15.17 -6.77 12.95
C HIS A 576 -15.34 -7.84 14.04
N SER A 577 -15.66 -9.06 13.62
CA SER A 577 -15.82 -10.18 14.53
C SER A 577 -14.50 -10.92 14.69
N TYR A 578 -13.89 -11.26 13.56
CA TYR A 578 -12.67 -12.05 13.55
C TYR A 578 -11.49 -11.48 14.37
N CYS A 579 -11.18 -10.20 14.19
CA CYS A 579 -10.11 -9.59 15.01
C CYS A 579 -10.43 -9.67 16.51
N MET A 580 -11.71 -9.54 16.86
CA MET A 580 -12.12 -9.67 18.27
C MET A 580 -11.88 -11.10 18.79
N ARG A 581 -12.16 -12.09 17.95
CA ARG A 581 -12.01 -13.51 18.28
C ARG A 581 -10.51 -13.88 18.34
N LYS A 582 -9.74 -13.30 17.43
CA LYS A 582 -8.32 -13.60 17.34
C LYS A 582 -7.50 -12.86 18.43
N GLY A 583 -8.03 -11.75 18.93
CA GLY A 583 -7.37 -10.99 19.98
C GLY A 583 -6.35 -10.01 19.42
N THR A 584 -6.70 -9.32 18.34
CA THR A 584 -5.81 -8.31 17.76
C THR A 584 -6.54 -6.98 17.65
N PRO A 585 -6.98 -6.41 18.78
CA PRO A 585 -7.72 -5.15 18.71
C PRO A 585 -6.93 -3.97 18.13
N ARG A 586 -5.62 -3.88 18.41
CA ARG A 586 -4.82 -2.77 17.85
C ARG A 586 -4.74 -2.84 16.33
N ALA A 587 -4.55 -4.06 15.81
CA ALA A 587 -4.49 -4.20 14.36
C ALA A 587 -5.85 -3.86 13.74
N TYR A 588 -6.92 -4.26 14.42
CA TYR A 588 -8.27 -3.96 13.94
C TYR A 588 -8.47 -2.44 13.82
N LEU A 589 -8.00 -1.67 14.78
CA LEU A 589 -8.17 -0.21 14.74
C LEU A 589 -7.34 0.38 13.61
N GLU A 590 -6.16 -0.18 13.37
CA GLU A 590 -5.38 0.23 12.19
C GLU A 590 -6.12 -0.06 10.90
N MET A 591 -6.83 -1.19 10.83
CA MET A 591 -7.63 -1.50 9.63
C MET A 591 -8.75 -0.48 9.39
N LEU A 592 -9.40 -0.02 10.46
CA LEU A 592 -10.46 0.99 10.34
C LEU A 592 -9.91 2.30 9.77
N GLU A 593 -8.71 2.71 10.23
CA GLU A 593 -8.02 3.89 9.67
C GLU A 593 -7.66 3.72 8.19
N TRP A 594 -7.16 2.54 7.84
CA TRP A 594 -6.94 2.15 6.43
C TRP A 594 -8.25 2.25 5.64
N GLY A 595 -9.34 1.73 6.18
CA GLY A 595 -10.62 1.80 5.48
C GLY A 595 -11.07 3.24 5.21
N LYS A 596 -10.79 4.13 6.16
CA LYS A 596 -11.23 5.52 6.04
C LYS A 596 -10.31 6.33 5.15
N ALA A 597 -9.28 5.70 4.59
CA ALA A 597 -8.34 6.38 3.69
C ALA A 597 -8.32 5.77 2.28
N LEU A 598 -9.13 4.74 2.06
CA LEU A 598 -9.09 4.03 0.79
C LEU A 598 -9.29 4.92 -0.44
N TYR A 599 -10.22 5.86 -0.38
CA TYR A 599 -10.55 6.68 -1.53
C TYR A 599 -9.66 7.90 -1.64
N THR A 600 -8.54 7.86 -0.93
CA THR A 600 -7.53 8.90 -1.05
C THR A 600 -6.22 8.27 -1.50
N LYS A 601 -6.25 6.96 -1.69
CA LYS A 601 -5.06 6.25 -2.13
C LYS A 601 -4.66 6.66 -3.55
N PRO A 602 -3.37 6.49 -3.88
CA PRO A 602 -2.75 6.93 -5.15
C PRO A 602 -3.46 6.42 -6.41
N MET A 603 -3.71 5.12 -6.51
CA MET A 603 -4.39 4.61 -7.71
C MET A 603 -5.82 5.13 -7.85
N TYR A 604 -6.53 5.26 -6.74
CA TYR A 604 -7.91 5.74 -6.78
C TYR A 604 -7.94 7.19 -7.22
N VAL A 605 -6.99 7.97 -6.72
CA VAL A 605 -6.94 9.39 -6.99
C VAL A 605 -6.53 9.65 -8.43
N ARG A 606 -5.58 8.85 -8.90
CA ARG A 606 -5.17 8.87 -10.29
C ARG A 606 -6.36 8.60 -11.24
N ALA A 607 -7.12 7.53 -10.98
CA ALA A 607 -8.30 7.23 -11.80
C ALA A 607 -9.32 8.36 -11.75
N MET A 608 -9.46 8.99 -10.58
CA MET A 608 -10.42 10.07 -10.42
C MET A 608 -10.01 11.32 -11.18
N LYS A 609 -8.74 11.68 -11.11
CA LYS A 609 -8.26 12.84 -11.85
C LYS A 609 -8.29 12.65 -13.37
N GLU A 610 -7.93 11.47 -13.87
CA GLU A 610 -7.95 11.24 -15.32
C GLU A 610 -9.40 11.20 -15.80
N ALA A 611 -10.25 10.46 -15.09
CA ALA A 611 -11.63 10.31 -15.49
C ALA A 611 -12.32 11.68 -15.54
N SER A 612 -11.88 12.62 -14.71
CA SER A 612 -12.49 13.95 -14.68
C SER A 612 -12.32 14.69 -16.02
N LYS A 613 -11.18 14.51 -16.68
CA LYS A 613 -10.97 15.05 -18.03
C LYS A 613 -12.17 14.74 -18.92
N LEU A 614 -12.63 13.49 -18.87
CA LEU A 614 -13.74 13.06 -19.71
C LEU A 614 -15.07 13.67 -19.28
N TYR A 615 -15.42 13.51 -18.01
CA TYR A 615 -16.69 14.03 -17.51
C TYR A 615 -16.81 15.54 -17.68
N PHE A 616 -15.76 16.28 -17.32
CA PHE A 616 -15.78 17.73 -17.44
C PHE A 616 -16.01 18.13 -18.89
N GLN A 617 -15.29 17.47 -19.79
CA GLN A 617 -15.45 17.66 -21.23
C GLN A 617 -16.89 17.44 -21.65
N MET A 618 -17.42 16.26 -21.33
CA MET A 618 -18.77 15.91 -21.75
C MET A 618 -19.76 16.94 -21.26
N HIS A 619 -19.49 17.48 -20.06
CA HIS A 619 -20.33 18.55 -19.52
C HIS A 619 -20.26 19.80 -20.38
N ASP A 620 -19.05 20.24 -20.70
CA ASP A 620 -18.84 21.41 -21.53
C ASP A 620 -19.44 21.20 -22.93
N ASP A 621 -18.84 20.28 -23.68
CA ASP A 621 -19.28 19.96 -25.03
C ASP A 621 -20.80 19.81 -25.11
N ARG A 622 -21.44 19.51 -23.98
CA ARG A 622 -22.89 19.43 -23.94
C ARG A 622 -23.48 20.84 -23.93
N LEU A 623 -23.33 21.53 -25.06
CA LEU A 623 -23.86 22.88 -25.24
C LEU A 623 -23.45 23.42 -26.61
N ASP A 679 -23.16 -3.56 -22.18
CA ASP A 679 -22.44 -2.30 -22.34
C ASP A 679 -20.94 -2.56 -22.42
N VAL A 680 -20.53 -3.41 -23.35
CA VAL A 680 -19.15 -3.86 -23.45
C VAL A 680 -18.16 -2.74 -23.80
N PHE A 681 -18.67 -1.68 -24.42
CA PHE A 681 -17.80 -0.60 -24.90
C PHE A 681 -18.07 0.71 -24.18
N GLY A 682 -19.00 0.68 -23.24
CA GLY A 682 -19.27 1.84 -22.41
C GLY A 682 -20.00 2.98 -23.10
N GLU A 683 -20.75 2.65 -24.16
CA GLU A 683 -21.54 3.67 -24.86
C GLU A 683 -22.56 4.32 -23.92
N LYS A 684 -23.16 3.52 -23.05
CA LYS A 684 -24.13 4.07 -22.10
C LYS A 684 -23.48 5.11 -21.19
N LEU A 685 -22.18 4.96 -20.96
CA LEU A 685 -21.45 5.90 -20.13
C LEU A 685 -21.10 7.17 -20.88
N ILE A 686 -20.85 7.03 -22.18
CA ILE A 686 -20.45 8.15 -23.03
C ILE A 686 -21.62 9.06 -23.39
N GLU A 687 -22.85 8.55 -23.25
CA GLU A 687 -24.05 9.31 -23.61
C GLU A 687 -24.92 9.63 -22.40
N THR A 688 -24.30 9.92 -21.27
CA THR A 688 -25.04 10.23 -20.06
C THR A 688 -25.61 11.65 -20.13
N SER A 689 -26.75 11.88 -19.49
CA SER A 689 -27.34 13.20 -19.41
C SER A 689 -26.83 13.95 -18.19
N THR A 690 -25.99 13.29 -17.39
CA THR A 690 -25.49 13.88 -16.16
C THR A 690 -24.01 13.58 -15.90
N PRO A 691 -23.11 14.10 -16.75
CA PRO A 691 -21.69 13.81 -16.55
C PRO A 691 -21.20 14.18 -15.15
N MET A 692 -21.68 15.29 -14.59
CA MET A 692 -21.18 15.75 -13.30
C MET A 692 -21.70 14.93 -12.13
N GLU A 693 -22.96 14.52 -12.20
CA GLU A 693 -23.53 13.63 -11.18
C GLU A 693 -22.94 12.24 -11.32
N ASP A 694 -22.54 11.88 -12.54
CA ASP A 694 -21.88 10.61 -12.78
C ASP A 694 -20.48 10.59 -12.15
N PHE A 695 -19.75 11.69 -12.31
CA PHE A 695 -18.42 11.82 -11.74
C PHE A 695 -18.49 11.77 -10.22
N ALA A 696 -19.33 12.63 -9.65
CA ALA A 696 -19.45 12.75 -8.19
C ALA A 696 -19.86 11.44 -7.54
N THR A 697 -20.77 10.72 -8.17
CA THR A 697 -21.28 9.47 -7.62
C THR A 697 -20.27 8.32 -7.70
N GLU A 698 -19.53 8.23 -8.80
CA GLU A 698 -18.62 7.11 -8.99
C GLU A 698 -17.23 7.35 -8.43
N PHE A 699 -16.83 8.63 -8.31
CA PHE A 699 -15.46 8.94 -7.91
C PHE A 699 -15.34 9.99 -6.81
N TYR A 700 -15.88 11.16 -7.07
CA TYR A 700 -15.52 12.36 -6.32
C TYR A 700 -16.07 12.46 -4.90
N ASN A 701 -17.32 12.05 -4.69
CA ASN A 701 -17.93 12.15 -3.35
C ASN A 701 -17.13 11.40 -2.29
N ASN A 702 -16.85 10.12 -2.56
CA ASN A 702 -16.12 9.29 -1.62
C ASN A 702 -14.71 9.80 -1.33
N TYR A 703 -14.05 10.32 -2.36
CA TYR A 703 -12.75 10.93 -2.13
C TYR A 703 -12.88 12.21 -1.30
N SER A 704 -13.98 12.92 -1.50
CA SER A 704 -14.16 14.21 -0.86
C SER A 704 -14.41 14.04 0.64
N MET A 705 -15.14 12.98 1.00
CA MET A 705 -15.45 12.67 2.39
C MET A 705 -14.22 12.28 3.20
N GLN A 706 -13.24 11.65 2.56
CA GLN A 706 -12.11 11.08 3.32
C GLN A 706 -10.85 11.92 3.30
N VAL A 707 -10.65 12.71 2.26
CA VAL A 707 -9.37 13.42 2.09
C VAL A 707 -9.11 14.48 3.17
N ARG A 708 -7.86 14.56 3.62
CA ARG A 708 -7.47 15.58 4.60
C ARG A 708 -7.38 16.92 3.90
N GLU A 709 -7.66 18.00 4.61
CA GLU A 709 -7.66 19.32 3.99
C GLU A 709 -6.27 19.71 3.47
N ASP A 710 -5.23 19.16 4.09
CA ASP A 710 -3.86 19.49 3.67
C ASP A 710 -3.36 18.57 2.56
N GLU A 711 -4.26 17.76 2.02
CA GLU A 711 -3.92 16.92 0.88
C GLU A 711 -4.90 17.10 -0.28
N ARG A 712 -5.86 18.01 -0.09
CA ARG A 712 -6.88 18.25 -1.10
C ARG A 712 -6.32 18.87 -2.37
N ASP A 713 -6.85 18.44 -3.51
CA ASP A 713 -6.58 19.09 -4.78
C ASP A 713 -7.63 20.18 -4.94
N TYR A 714 -7.23 21.43 -4.73
CA TYR A 714 -8.16 22.55 -4.79
C TYR A 714 -8.51 22.91 -6.22
N ILE A 715 -7.56 22.72 -7.13
CA ILE A 715 -7.82 22.96 -8.54
C ILE A 715 -8.97 22.07 -9.00
N LEU A 716 -8.97 20.83 -8.57
CA LEU A 716 -10.04 19.89 -8.90
C LEU A 716 -11.37 20.38 -8.31
N ASP A 717 -11.36 20.72 -7.02
CA ASP A 717 -12.57 21.24 -6.40
C ASP A 717 -13.08 22.43 -7.20
N PHE A 718 -12.17 23.34 -7.53
CA PHE A 718 -12.51 24.54 -8.30
C PHE A 718 -13.21 24.14 -9.60
N GLU A 719 -12.51 23.35 -10.42
CA GLU A 719 -13.01 22.93 -11.72
C GLU A 719 -14.33 22.18 -11.60
N PHE A 720 -14.47 21.38 -10.55
CA PHE A 720 -15.67 20.59 -10.32
C PHE A 720 -16.88 21.46 -9.97
N ASN A 721 -16.75 22.28 -8.93
CA ASN A 721 -17.87 23.11 -8.48
C ASN A 721 -18.20 24.18 -9.51
N TYR A 722 -17.21 24.51 -10.34
CA TYR A 722 -17.36 25.50 -11.40
C TYR A 722 -18.40 25.04 -12.42
N ARG A 723 -18.48 23.72 -12.63
CA ARG A 723 -19.41 23.13 -13.58
C ARG A 723 -20.69 22.71 -12.87
N ILE A 724 -20.72 22.87 -11.55
CA ILE A 724 -21.89 22.53 -10.75
C ILE A 724 -22.72 23.79 -10.45
N GLY A 725 -22.20 24.94 -10.87
CA GLY A 725 -22.86 26.21 -10.67
C GLY A 725 -22.70 26.75 -9.27
N LYS A 726 -21.78 26.17 -8.51
CA LYS A 726 -21.53 26.60 -7.13
C LYS A 726 -20.26 27.46 -7.00
N LEU A 727 -20.32 28.66 -7.57
CA LEU A 727 -19.15 29.55 -7.63
C LEU A 727 -18.68 29.97 -6.24
N ALA A 728 -19.56 29.83 -5.24
CA ALA A 728 -19.18 30.14 -3.87
C ALA A 728 -18.01 29.25 -3.45
N LEU A 729 -18.10 27.97 -3.78
CA LEU A 729 -17.05 27.02 -3.45
C LEU A 729 -15.79 27.27 -4.28
N CYS A 730 -15.96 27.82 -5.48
CA CYS A 730 -14.83 28.17 -6.32
C CYS A 730 -13.94 29.22 -5.67
N PHE A 731 -14.58 30.23 -5.06
CA PHE A 731 -13.85 31.23 -4.29
C PHE A 731 -13.12 30.56 -3.12
N ALA A 732 -13.84 29.78 -2.33
CA ALA A 732 -13.23 29.06 -1.22
C ALA A 732 -11.99 28.30 -1.68
N SER A 733 -12.11 27.61 -2.81
CA SER A 733 -11.00 26.84 -3.35
C SER A 733 -9.83 27.75 -3.76
N LEU A 734 -10.14 28.81 -4.50
CA LEU A 734 -9.12 29.78 -4.87
C LEU A 734 -8.38 30.30 -3.64
N ASN A 735 -9.13 30.71 -2.62
CA ASN A 735 -8.54 31.26 -1.40
C ASN A 735 -7.67 30.23 -0.68
N LYS A 736 -8.25 29.07 -0.38
CA LYS A 736 -7.53 28.05 0.36
C LYS A 736 -6.31 27.56 -0.42
N PHE A 737 -6.31 27.79 -1.73
CA PHE A 737 -5.17 27.46 -2.58
C PHE A 737 -4.05 28.46 -2.34
N ALA A 738 -4.38 29.74 -2.48
CA ALA A 738 -3.43 30.81 -2.20
C ALA A 738 -2.82 30.67 -0.81
N LYS A 739 -3.66 30.33 0.16
CA LYS A 739 -3.22 30.23 1.55
C LYS A 739 -2.26 29.07 1.80
N ARG A 740 -1.85 28.39 0.73
CA ARG A 740 -0.92 27.27 0.84
C ARG A 740 0.28 27.41 -0.09
N PHE A 741 0.07 28.01 -1.26
CA PHE A 741 1.14 28.15 -2.24
C PHE A 741 1.50 29.61 -2.50
N GLY A 742 0.77 30.51 -1.87
CA GLY A 742 0.98 31.92 -2.11
C GLY A 742 0.27 32.33 -3.40
N THR A 743 0.33 33.61 -3.73
CA THR A 743 -0.37 34.10 -4.90
C THR A 743 0.58 34.49 -6.04
N THR A 744 1.84 34.07 -5.92
CA THR A 744 2.83 34.27 -6.98
C THR A 744 2.65 33.23 -8.09
N SER A 745 2.08 32.08 -7.75
CA SER A 745 1.87 30.99 -8.71
C SER A 745 1.08 31.44 -9.94
N GLY A 746 1.55 31.00 -11.10
CA GLY A 746 0.87 31.30 -12.36
C GLY A 746 -0.50 30.67 -12.43
N LEU A 747 -0.63 29.48 -11.87
CA LEU A 747 -1.92 28.79 -11.82
C LEU A 747 -2.88 29.57 -10.93
N PHE A 748 -2.36 30.15 -9.86
CA PHE A 748 -3.15 30.97 -8.96
C PHE A 748 -3.76 32.16 -9.67
N GLY A 749 -2.93 32.88 -10.42
CA GLY A 749 -3.42 34.02 -11.19
C GLY A 749 -4.43 33.56 -12.24
N SER A 750 -4.04 32.55 -13.01
CA SER A 750 -4.88 32.03 -14.07
C SER A 750 -6.28 31.66 -13.56
N MET A 751 -6.33 31.06 -12.37
CA MET A 751 -7.60 30.58 -11.82
C MET A 751 -8.51 31.74 -11.43
N ALA A 752 -7.96 32.67 -10.65
CA ALA A 752 -8.69 33.85 -10.23
C ALA A 752 -9.45 34.51 -11.39
N ILE A 753 -8.80 34.61 -12.54
CA ILE A 753 -9.40 35.28 -13.69
C ILE A 753 -10.65 34.55 -14.19
N VAL A 754 -10.54 33.24 -14.36
CA VAL A 754 -11.68 32.43 -14.82
C VAL A 754 -12.91 32.66 -13.95
N LEU A 755 -12.68 32.95 -12.67
CA LEU A 755 -13.77 33.22 -11.75
C LEU A 755 -14.24 34.67 -11.87
N LEU A 756 -13.30 35.58 -11.98
CA LEU A 756 -13.62 37.01 -12.13
C LEU A 756 -14.50 37.22 -13.34
N HIS A 757 -14.24 36.46 -14.40
CA HIS A 757 -14.98 36.60 -15.66
C HIS A 757 -16.40 36.07 -15.55
N ALA A 758 -16.65 35.21 -14.57
CA ALA A 758 -17.97 34.62 -14.38
C ALA A 758 -18.86 35.51 -13.52
N ASN A 808 6.93 31.47 -20.01
CA ASN A 808 7.25 31.67 -18.60
C ASN A 808 6.85 30.47 -17.76
N ASP A 809 5.77 30.61 -16.99
CA ASP A 809 5.27 29.53 -16.13
C ASP A 809 4.27 28.65 -16.87
N ILE A 810 4.69 27.41 -17.18
CA ILE A 810 3.97 26.54 -18.11
C ILE A 810 2.52 26.22 -17.72
N ASN A 811 2.32 25.72 -16.51
CA ASN A 811 0.99 25.27 -16.09
C ASN A 811 -0.05 26.39 -16.02
N GLY A 812 0.38 27.57 -15.59
CA GLY A 812 -0.52 28.71 -15.50
C GLY A 812 -1.09 29.04 -16.86
N LEU A 813 -0.21 29.16 -17.85
CA LEU A 813 -0.62 29.48 -19.20
C LEU A 813 -1.57 28.42 -19.74
N LEU A 814 -1.38 27.18 -19.30
CA LEU A 814 -2.21 26.06 -19.76
C LEU A 814 -3.62 26.09 -19.19
N PHE A 815 -3.75 26.39 -17.90
CA PHE A 815 -5.07 26.45 -17.25
C PHE A 815 -5.96 27.44 -17.98
N LEU A 816 -5.41 28.61 -18.30
CA LEU A 816 -6.12 29.60 -19.08
C LEU A 816 -6.59 29.03 -20.41
N TYR A 817 -5.72 28.28 -21.07
CA TYR A 817 -6.02 27.77 -22.39
C TYR A 817 -7.31 26.93 -22.39
N ARG A 818 -7.41 25.98 -21.47
CA ARG A 818 -8.59 25.10 -21.44
C ARG A 818 -9.84 25.82 -20.93
N TYR A 819 -9.71 27.12 -20.73
CA TYR A 819 -10.86 27.98 -20.41
C TYR A 819 -10.86 29.19 -21.33
N ARG A 820 -10.49 28.99 -22.59
CA ARG A 820 -10.42 30.10 -23.54
C ARG A 820 -11.79 30.43 -24.14
N ASP A 821 -12.68 29.44 -24.15
CA ASP A 821 -14.02 29.62 -24.72
C ASP A 821 -14.95 30.37 -23.76
N ASP A 822 -14.54 30.51 -22.51
CA ASP A 822 -15.32 31.25 -21.52
C ASP A 822 -14.66 32.56 -21.11
N VAL A 823 -13.33 32.59 -21.16
CA VAL A 823 -12.59 33.82 -20.88
C VAL A 823 -11.88 34.30 -22.14
N PRO A 824 -12.00 35.59 -22.44
CA PRO A 824 -11.54 36.22 -23.69
C PRO A 824 -10.02 36.36 -23.76
N ILE A 825 -9.34 35.39 -24.34
CA ILE A 825 -7.88 35.43 -24.42
C ILE A 825 -7.42 35.58 -25.87
N GLY A 826 -6.14 35.87 -26.05
CA GLY A 826 -5.54 35.87 -27.36
C GLY A 826 -5.77 34.52 -28.02
N SER A 827 -5.71 33.47 -27.22
CA SER A 827 -5.99 32.11 -27.68
C SER A 827 -4.91 31.60 -28.64
N SER A 828 -4.67 32.35 -29.70
CA SER A 828 -3.64 32.00 -30.67
C SER A 828 -2.28 32.51 -30.21
N ASN A 829 -2.31 33.61 -29.46
CA ASN A 829 -1.10 34.18 -28.88
C ASN A 829 -0.78 33.49 -27.56
N LEU A 830 -1.77 32.80 -27.01
CA LEU A 830 -1.57 32.01 -25.80
C LEU A 830 -0.86 30.72 -26.18
N LYS A 831 -1.31 30.10 -27.26
CA LYS A 831 -0.72 28.85 -27.73
C LYS A 831 0.75 29.05 -28.09
N GLU A 832 1.06 30.14 -28.78
CA GLU A 832 2.44 30.43 -29.13
C GLU A 832 3.27 30.65 -27.87
N MET A 833 2.64 31.23 -26.85
CA MET A 833 3.28 31.38 -25.55
C MET A 833 3.64 30.03 -24.95
N ILE A 834 2.66 29.12 -24.98
CA ILE A 834 2.81 27.80 -24.38
C ILE A 834 3.91 26.97 -25.05
N ILE A 835 4.16 27.27 -26.32
CA ILE A 835 5.18 26.53 -27.06
C ILE A 835 6.57 27.06 -26.75
N SER A 836 6.69 28.38 -26.62
CA SER A 836 7.96 28.99 -26.27
C SER A 836 8.42 28.49 -24.91
N SER A 837 7.46 28.20 -24.04
CA SER A 837 7.77 27.73 -22.69
C SER A 837 8.25 26.28 -22.69
N LEU A 838 7.93 25.55 -23.75
CA LEU A 838 8.22 24.10 -23.81
C LEU A 838 9.69 23.79 -24.02
N SER A 839 10.44 24.77 -24.51
CA SER A 839 11.85 24.61 -24.89
C SER A 839 12.74 23.79 -23.94
N PRO A 840 12.78 24.16 -22.64
CA PRO A 840 13.67 23.50 -21.67
C PRO A 840 13.36 22.02 -21.39
N LEU A 841 12.09 21.70 -21.15
CA LEU A 841 11.67 20.35 -20.76
C LEU A 841 12.20 19.24 -21.68
N GLU A 842 12.28 18.03 -21.14
CA GLU A 842 12.71 16.87 -21.92
C GLU A 842 11.68 16.54 -23.03
N PRO A 843 12.15 15.91 -24.12
CA PRO A 843 11.31 15.58 -25.28
C PRO A 843 9.94 14.99 -24.92
N HIS A 844 9.92 13.95 -24.08
CA HIS A 844 8.66 13.36 -23.63
C HIS A 844 7.65 14.39 -23.11
N SER A 845 8.10 15.31 -22.26
CA SER A 845 7.21 16.33 -21.69
C SER A 845 6.72 17.31 -22.76
N GLN A 846 7.62 17.69 -23.66
CA GLN A 846 7.23 18.51 -24.80
C GLN A 846 6.12 17.83 -25.59
N ASN A 847 6.39 16.60 -26.04
CA ASN A 847 5.44 15.86 -26.85
C ASN A 847 4.08 15.66 -26.19
N GLU A 848 4.09 15.17 -24.95
CA GLU A 848 2.85 14.90 -24.22
C GLU A 848 1.95 16.14 -24.17
N ILE A 849 2.56 17.30 -24.01
CA ILE A 849 1.82 18.56 -23.90
C ILE A 849 1.25 18.97 -25.24
N LEU A 850 2.07 18.88 -26.29
CA LEU A 850 1.66 19.26 -27.63
C LEU A 850 0.48 18.43 -28.16
N GLN A 851 0.38 17.18 -27.73
CA GLN A 851 -0.66 16.27 -28.23
C GLN A 851 -1.91 16.21 -27.36
N TYR A 852 -1.71 16.11 -26.06
CA TYR A 852 -2.79 15.70 -25.16
C TYR A 852 -3.17 16.78 -24.15
N TYR A 853 -2.61 17.97 -24.29
CA TYR A 853 -2.90 19.06 -23.36
C TYR A 853 -3.20 20.36 -24.10
N LEU A 854 -2.72 20.44 -25.35
CA LEU A 854 -3.00 21.57 -26.23
C LEU A 854 -3.59 21.05 -27.52
N TYR A 855 -4.26 19.89 -27.44
CA TYR A 855 -4.81 19.19 -28.60
C TYR A 855 -5.06 20.11 -29.79
N PRO B 2 18.69 4.94 0.27
CA PRO B 2 19.04 3.69 0.94
C PRO B 2 17.79 2.89 1.27
N ILE B 3 17.99 1.69 1.78
CA ILE B 3 16.92 0.78 2.09
C ILE B 3 16.67 0.75 3.60
N ASN B 4 15.39 0.84 3.97
CA ASN B 4 14.92 0.77 5.35
C ASN B 4 14.28 -0.59 5.61
N ILE B 5 14.44 -1.13 6.81
CA ILE B 5 13.74 -2.34 7.20
C ILE B 5 12.85 -2.06 8.41
N ARG B 6 11.58 -2.42 8.28
CA ARG B 6 10.62 -2.18 9.36
C ARG B 6 9.49 -3.20 9.32
N ARG B 7 8.65 -3.13 10.33
CA ARG B 7 7.50 -3.99 10.47
C ARG B 7 6.47 -3.65 9.39
N ALA B 8 5.87 -4.67 8.79
CA ALA B 8 4.72 -4.51 7.89
C ALA B 8 3.48 -4.00 8.64
N THR B 9 2.66 -3.17 7.99
CA THR B 9 1.36 -2.73 8.52
C THR B 9 0.36 -2.84 7.37
N ILE B 10 -0.92 -2.69 7.68
CA ILE B 10 -1.94 -2.89 6.66
C ILE B 10 -1.78 -1.83 5.58
N ASN B 11 -1.10 -0.77 5.92
CA ASN B 11 -0.83 0.27 4.94
C ASN B 11 0.15 -0.15 3.86
N ASP B 12 0.81 -1.29 4.07
CA ASP B 12 1.71 -1.85 3.06
C ASP B 12 1.06 -2.78 2.07
N ILE B 13 -0.17 -3.23 2.33
CA ILE B 13 -0.66 -4.37 1.55
C ILE B 13 -1.07 -4.06 0.11
N ILE B 14 -1.59 -2.87 -0.15
CA ILE B 14 -1.91 -2.54 -1.53
C ILE B 14 -0.66 -2.56 -2.39
N CYS B 15 0.45 -2.04 -1.85
CA CYS B 15 1.73 -2.04 -2.55
C CYS B 15 2.25 -3.47 -2.65
N MET B 16 2.05 -4.28 -1.62
CA MET B 16 2.50 -5.66 -1.77
C MET B 16 1.72 -6.27 -2.94
N GLN B 17 0.40 -6.10 -2.92
CA GLN B 17 -0.45 -6.63 -3.98
C GLN B 17 -0.01 -6.19 -5.38
N ASN B 18 0.32 -4.92 -5.54
CA ASN B 18 0.68 -4.40 -6.85
C ASN B 18 2.15 -4.62 -7.23
N ALA B 19 2.94 -5.17 -6.31
CA ALA B 19 4.37 -5.38 -6.57
C ALA B 19 4.66 -6.62 -7.42
N ASN B 20 3.67 -7.51 -7.54
CA ASN B 20 3.80 -8.76 -8.32
C ASN B 20 2.51 -9.22 -8.94
N LEU B 21 2.61 -9.89 -10.08
CA LEU B 21 1.46 -10.56 -10.67
C LEU B 21 1.21 -11.88 -9.94
N HIS B 22 -0.05 -12.14 -9.59
CA HIS B 22 -0.41 -13.40 -8.93
C HIS B 22 -1.38 -14.18 -9.79
N ASN B 23 -1.52 -15.47 -9.53
CA ASN B 23 -2.52 -16.27 -10.24
C ASN B 23 -3.93 -16.12 -9.64
N LEU B 24 -4.00 -15.81 -8.35
CA LEU B 24 -5.29 -15.60 -7.69
C LEU B 24 -5.84 -14.21 -8.03
N PRO B 25 -7.17 -14.03 -7.92
CA PRO B 25 -7.80 -12.72 -8.20
C PRO B 25 -7.42 -11.63 -7.18
N GLU B 26 -7.44 -10.39 -7.63
CA GLU B 26 -6.94 -9.28 -6.85
C GLU B 26 -7.63 -9.18 -5.48
N ASN B 27 -8.96 -9.27 -5.46
CA ASN B 27 -9.66 -9.24 -4.19
C ASN B 27 -9.38 -10.43 -3.27
N TYR B 28 -9.05 -11.58 -3.86
CA TYR B 28 -8.70 -12.72 -3.05
C TYR B 28 -7.37 -12.43 -2.35
N MET B 29 -6.39 -12.01 -3.13
CA MET B 29 -5.11 -11.60 -2.59
C MET B 29 -5.24 -10.55 -1.49
N MET B 30 -6.07 -9.55 -1.71
CA MET B 30 -6.17 -8.44 -0.74
C MET B 30 -6.69 -9.00 0.61
N LYS B 31 -7.70 -9.87 0.53
CA LYS B 31 -8.29 -10.50 1.70
C LYS B 31 -7.26 -11.42 2.37
N TYR B 32 -6.47 -12.10 1.55
CA TYR B 32 -5.40 -12.95 2.02
C TYR B 32 -4.34 -12.12 2.79
N TYR B 33 -3.93 -10.99 2.21
CA TYR B 33 -2.97 -10.11 2.87
C TYR B 33 -3.54 -9.59 4.19
N MET B 34 -4.80 -9.16 4.17
CA MET B 34 -5.47 -8.69 5.38
C MET B 34 -5.54 -9.79 6.44
N TYR B 35 -5.83 -11.01 6.02
CA TYR B 35 -5.89 -12.13 6.96
C TYR B 35 -4.55 -12.30 7.69
N HIS B 36 -3.45 -12.20 6.96
CA HIS B 36 -2.13 -12.30 7.57
C HIS B 36 -1.83 -11.16 8.53
N ILE B 37 -1.97 -9.93 8.03
CA ILE B 37 -1.48 -8.78 8.75
C ILE B 37 -2.36 -8.46 9.97
N LEU B 38 -3.63 -8.87 9.91
CA LEU B 38 -4.53 -8.65 11.03
C LEU B 38 -4.56 -9.82 12.02
N SER B 39 -3.96 -10.95 11.64
CA SER B 39 -3.86 -12.12 12.51
C SER B 39 -2.50 -12.19 13.21
N TRP B 40 -1.44 -11.87 12.47
CA TRP B 40 -0.10 -11.89 13.03
C TRP B 40 0.57 -10.55 12.77
N PRO B 41 0.06 -9.50 13.41
CA PRO B 41 0.49 -8.14 13.10
C PRO B 41 1.90 -7.81 13.58
N GLU B 42 2.58 -8.73 14.26
CA GLU B 42 3.94 -8.44 14.73
C GLU B 42 5.00 -9.27 14.03
N ALA B 43 4.59 -10.07 13.05
CA ALA B 43 5.48 -11.08 12.49
C ALA B 43 6.07 -10.74 11.13
N SER B 44 5.45 -9.81 10.41
CA SER B 44 5.81 -9.60 9.00
C SER B 44 6.65 -8.33 8.87
N PHE B 45 7.56 -8.31 7.90
CA PHE B 45 8.45 -7.16 7.73
C PHE B 45 8.54 -6.73 6.27
N VAL B 46 8.85 -5.45 6.04
CA VAL B 46 9.05 -4.95 4.68
C VAL B 46 10.39 -4.23 4.55
N ALA B 47 10.88 -4.17 3.32
CA ALA B 47 12.02 -3.36 2.96
C ALA B 47 11.52 -2.32 1.97
N THR B 48 11.87 -1.06 2.22
CA THR B 48 11.44 0.04 1.35
C THR B 48 12.61 0.96 1.09
N THR B 49 12.54 1.74 0.03
CA THR B 49 13.47 2.84 -0.11
C THR B 49 13.02 3.90 0.87
N THR B 50 13.86 4.91 1.03
CA THR B 50 13.51 6.00 1.92
C THR B 50 14.31 7.23 1.53
N THR B 51 13.67 8.38 1.62
CA THR B 51 14.39 9.64 1.47
C THR B 51 14.53 10.26 2.86
N LEU B 52 15.64 10.95 3.10
CA LEU B 52 15.87 11.57 4.40
C LEU B 52 15.99 13.09 4.27
N ASP B 53 15.57 13.82 5.30
CA ASP B 53 15.80 15.26 5.33
C ASP B 53 17.30 15.57 5.39
N CYS B 54 17.73 16.51 4.57
CA CYS B 54 19.15 16.82 4.44
C CYS B 54 19.43 18.29 4.82
N ILE B 79 4.03 12.19 -13.69
CA ILE B 79 3.17 12.08 -12.51
C ILE B 79 2.24 10.89 -12.60
N LYS B 80 2.75 9.79 -13.16
CA LYS B 80 2.01 8.54 -13.22
C LYS B 80 2.29 7.71 -11.96
N LEU B 81 1.66 8.11 -10.87
CA LEU B 81 1.86 7.49 -9.56
C LEU B 81 1.99 5.97 -9.63
N ASP B 82 3.20 5.48 -9.36
CA ASP B 82 3.47 4.04 -9.33
C ASP B 82 2.86 3.41 -8.09
N PRO B 83 2.14 2.29 -8.27
CA PRO B 83 1.36 1.60 -7.24
C PRO B 83 2.17 1.01 -6.06
N THR B 84 3.49 0.93 -6.19
CA THR B 84 4.31 0.38 -5.10
C THR B 84 4.94 1.42 -4.17
N TYR B 85 4.57 2.68 -4.34
CA TYR B 85 5.00 3.73 -3.41
C TYR B 85 4.02 3.92 -2.24
N LEU B 86 4.55 3.79 -1.04
CA LEU B 86 3.77 4.03 0.17
C LEU B 86 3.73 5.51 0.47
N ALA B 87 4.77 6.19 0.00
CA ALA B 87 4.92 7.62 0.20
C ALA B 87 5.99 8.10 -0.74
N PRO B 88 6.04 9.41 -0.99
CA PRO B 88 7.09 9.90 -1.91
C PRO B 88 8.48 9.46 -1.45
N GLY B 89 9.25 8.91 -2.38
CA GLY B 89 10.58 8.42 -2.08
C GLY B 89 10.58 7.12 -1.28
N GLU B 90 9.38 6.59 -0.99
CA GLU B 90 9.29 5.34 -0.24
C GLU B 90 8.57 4.25 -1.04
N LYS B 91 9.39 3.41 -1.66
CA LYS B 91 8.92 2.34 -2.53
C LYS B 91 9.13 1.00 -1.85
N LEU B 92 8.13 0.12 -1.90
CA LEU B 92 8.29 -1.24 -1.41
C LEU B 92 9.21 -2.03 -2.35
N VAL B 93 10.26 -2.64 -1.81
CA VAL B 93 11.15 -3.44 -2.67
C VAL B 93 11.27 -4.88 -2.17
N GLY B 94 10.69 -5.16 -1.00
CA GLY B 94 10.74 -6.52 -0.48
C GLY B 94 9.87 -6.70 0.74
N TYR B 95 9.49 -7.94 1.04
CA TYR B 95 8.77 -8.19 2.28
C TYR B 95 8.86 -9.66 2.63
N VAL B 96 8.55 -9.96 3.88
CA VAL B 96 8.41 -11.33 4.31
C VAL B 96 7.08 -11.42 5.03
N LEU B 97 6.21 -12.30 4.55
CA LEU B 97 4.87 -12.40 5.07
C LEU B 97 4.82 -13.67 5.89
N VAL B 98 4.44 -13.54 7.16
CA VAL B 98 4.66 -14.62 8.11
C VAL B 98 3.37 -14.96 8.87
N LYS B 99 3.20 -16.25 9.20
CA LYS B 99 2.05 -16.67 10.01
C LYS B 99 2.43 -17.74 11.02
N MET B 100 1.56 -17.92 12.01
CA MET B 100 1.65 -19.07 12.89
C MET B 100 0.72 -20.16 12.36
N ASN B 101 0.89 -21.39 12.86
CA ASN B 101 0.03 -22.51 12.48
C ASN B 101 -1.39 -22.32 13.00
N ASP B 102 -2.38 -22.32 12.11
CA ASP B 102 -3.77 -22.21 12.56
C ASP B 102 -4.66 -23.17 11.79
N ASP B 103 -4.10 -24.29 11.40
CA ASP B 103 -4.90 -25.36 10.81
C ASP B 103 -5.66 -26.05 11.93
N PRO B 104 -6.99 -26.15 11.81
CA PRO B 104 -7.76 -26.87 12.83
C PRO B 104 -7.29 -28.32 12.97
N ASP B 105 -6.84 -28.91 11.87
CA ASP B 105 -6.40 -30.30 11.87
C ASP B 105 -5.07 -30.52 12.58
N GLN B 106 -4.58 -29.49 13.25
CA GLN B 106 -3.30 -29.59 13.95
C GLN B 106 -3.31 -28.75 15.22
N GLN B 107 -4.46 -28.71 15.89
CA GLN B 107 -4.63 -27.89 17.07
C GLN B 107 -3.86 -28.39 18.29
N ASN B 108 -3.35 -29.63 18.20
CA ASN B 108 -2.61 -30.21 19.32
C ASN B 108 -1.11 -30.33 19.07
N GLU B 109 -0.63 -29.68 18.01
CA GLU B 109 0.79 -29.68 17.67
C GLU B 109 1.50 -28.46 18.30
N PRO B 110 2.83 -28.53 18.44
CA PRO B 110 3.56 -27.42 19.05
C PRO B 110 3.55 -26.20 18.13
N PRO B 111 3.44 -25.00 18.72
CA PRO B 111 3.41 -23.76 17.94
C PRO B 111 4.58 -23.72 16.96
N ASN B 112 4.28 -23.62 15.67
CA ASN B 112 5.33 -23.49 14.68
C ASN B 112 5.02 -22.34 13.72
N GLY B 113 6.07 -21.79 13.11
CA GLY B 113 5.89 -20.67 12.19
C GLY B 113 6.00 -21.09 10.73
N HIS B 114 5.33 -20.33 9.87
CA HIS B 114 5.34 -20.58 8.44
C HIS B 114 5.71 -19.30 7.70
N ILE B 115 6.66 -19.40 6.77
CA ILE B 115 6.99 -18.29 5.89
C ILE B 115 6.08 -18.37 4.68
N THR B 116 5.01 -17.59 4.65
CA THR B 116 4.07 -17.66 3.54
C THR B 116 4.74 -17.15 2.29
N SER B 117 5.53 -16.09 2.45
CA SER B 117 6.15 -15.48 1.28
C SER B 117 7.38 -14.66 1.64
N LEU B 118 8.46 -14.86 0.89
CA LEU B 118 9.66 -14.05 1.01
C LEU B 118 9.94 -13.51 -0.38
N SER B 119 9.80 -12.21 -0.55
CA SER B 119 9.83 -11.68 -1.91
C SER B 119 10.63 -10.39 -1.95
N VAL B 120 11.72 -10.41 -2.71
CA VAL B 120 12.59 -9.24 -2.86
C VAL B 120 12.83 -8.97 -4.33
N MET B 121 12.59 -7.73 -4.76
CA MET B 121 12.88 -7.36 -6.14
C MET B 121 14.32 -7.79 -6.49
N ARG B 122 14.47 -8.44 -7.64
CA ARG B 122 15.77 -8.98 -8.05
C ARG B 122 16.76 -7.86 -8.29
N THR B 123 16.26 -6.69 -8.69
CA THR B 123 17.13 -5.54 -8.87
C THR B 123 17.74 -5.05 -7.53
N TYR B 124 17.12 -5.42 -6.40
CA TYR B 124 17.65 -4.99 -5.10
C TYR B 124 18.46 -6.09 -4.43
N ARG B 125 19.03 -6.94 -5.28
CA ARG B 125 19.87 -8.03 -4.82
C ARG B 125 21.23 -7.51 -4.34
N ARG B 126 21.92 -8.34 -3.57
CA ARG B 126 23.25 -8.06 -3.05
C ARG B 126 23.29 -6.92 -2.04
N MET B 127 22.17 -6.74 -1.36
CA MET B 127 22.10 -5.81 -0.28
C MET B 127 21.67 -6.45 1.03
N GLY B 128 21.69 -7.78 1.07
CA GLY B 128 21.36 -8.48 2.30
C GLY B 128 19.90 -8.41 2.71
N ILE B 129 19.04 -7.92 1.81
CA ILE B 129 17.63 -7.67 2.18
C ILE B 129 16.88 -8.92 2.61
N ALA B 130 17.00 -10.00 1.83
CA ALA B 130 16.31 -11.25 2.14
C ALA B 130 16.74 -11.80 3.50
N GLU B 131 18.03 -11.70 3.78
CA GLU B 131 18.56 -12.16 5.06
C GLU B 131 18.05 -11.30 6.21
N ASN B 132 18.14 -9.98 6.09
CA ASN B 132 17.63 -9.11 7.13
C ASN B 132 16.12 -9.31 7.42
N LEU B 133 15.32 -9.47 6.37
CA LEU B 133 13.89 -9.72 6.57
C LEU B 133 13.68 -11.04 7.29
N MET B 134 14.35 -12.09 6.83
CA MET B 134 14.23 -13.41 7.45
C MET B 134 14.65 -13.38 8.92
N ARG B 135 15.75 -12.69 9.23
CA ARG B 135 16.25 -12.64 10.60
C ARG B 135 15.26 -11.95 11.52
N GLN B 136 14.58 -10.90 11.03
CA GLN B 136 13.57 -10.24 11.85
C GLN B 136 12.36 -11.14 12.02
N ALA B 137 11.97 -11.80 10.94
CA ALA B 137 10.85 -12.74 10.98
C ALA B 137 11.08 -13.87 12.00
N LEU B 138 12.23 -14.52 11.93
CA LEU B 138 12.52 -15.62 12.84
C LEU B 138 12.53 -15.20 14.30
N PHE B 139 13.11 -14.04 14.58
CA PHE B 139 13.19 -13.57 15.95
C PHE B 139 11.79 -13.23 16.47
N ALA B 140 10.98 -12.57 15.64
CA ALA B 140 9.63 -12.20 16.01
C ALA B 140 8.79 -13.46 16.27
N LEU B 141 9.02 -14.50 15.49
CA LEU B 141 8.29 -15.75 15.67
C LEU B 141 8.58 -16.36 17.04
N ARG B 142 9.83 -16.34 17.46
CA ARG B 142 10.22 -16.88 18.75
C ARG B 142 9.78 -15.99 19.91
N GLU B 143 9.95 -14.69 19.73
CA GLU B 143 9.70 -13.75 20.81
C GLU B 143 8.22 -13.44 20.99
N VAL B 144 7.51 -13.22 19.89
CA VAL B 144 6.09 -12.88 19.99
C VAL B 144 5.21 -14.11 20.17
N HIS B 145 5.51 -15.19 19.46
CA HIS B 145 4.59 -16.32 19.43
C HIS B 145 5.16 -17.58 20.07
N GLN B 146 6.34 -17.48 20.68
CA GLN B 146 7.00 -18.62 21.30
C GLN B 146 6.98 -19.83 20.37
N ALA B 147 7.09 -19.56 19.07
CA ALA B 147 7.20 -20.63 18.08
C ALA B 147 8.46 -21.47 18.33
N GLU B 148 8.32 -22.79 18.25
CA GLU B 148 9.42 -23.69 18.56
C GLU B 148 10.28 -23.98 17.34
N TYR B 149 9.64 -24.08 16.19
CA TYR B 149 10.36 -24.28 14.95
C TYR B 149 9.67 -23.59 13.77
N VAL B 150 10.41 -23.48 12.67
CA VAL B 150 9.87 -23.00 11.41
C VAL B 150 10.25 -24.07 10.39
N SER B 151 9.30 -24.40 9.52
CA SER B 151 9.51 -25.44 8.50
C SER B 151 9.27 -24.81 7.14
N LEU B 152 9.95 -25.31 6.10
CA LEU B 152 9.77 -24.73 4.78
C LEU B 152 10.39 -25.59 3.69
N HIS B 153 9.99 -25.35 2.45
CA HIS B 153 10.58 -26.06 1.31
C HIS B 153 11.12 -25.09 0.27
N VAL B 154 12.15 -25.55 -0.44
CA VAL B 154 12.80 -24.74 -1.46
C VAL B 154 12.96 -25.58 -2.71
N ARG B 155 12.70 -24.98 -3.87
CA ARG B 155 12.89 -25.67 -5.14
C ARG B 155 14.34 -26.09 -5.26
N GLN B 156 14.55 -27.34 -5.64
CA GLN B 156 15.87 -27.89 -5.84
C GLN B 156 16.65 -27.05 -6.85
N SER B 157 15.89 -26.28 -7.65
CA SER B 157 16.47 -25.45 -8.69
C SER B 157 17.43 -24.37 -8.18
N ASN B 158 16.92 -23.41 -7.39
CA ASN B 158 17.74 -22.26 -7.02
C ASN B 158 18.63 -22.44 -5.79
N ARG B 159 19.93 -22.35 -6.02
CA ARG B 159 20.94 -22.49 -4.98
C ARG B 159 20.99 -21.25 -4.13
N ALA B 160 20.56 -20.11 -4.68
CA ALA B 160 20.54 -18.88 -3.90
C ALA B 160 19.63 -19.05 -2.70
N ALA B 161 18.43 -19.59 -2.92
CA ALA B 161 17.52 -19.80 -1.79
C ALA B 161 18.09 -20.87 -0.85
N LEU B 162 18.73 -21.89 -1.43
CA LEU B 162 19.33 -22.95 -0.62
C LEU B 162 20.43 -22.38 0.26
N HIS B 163 21.28 -21.56 -0.34
CA HIS B 163 22.39 -20.93 0.35
C HIS B 163 21.86 -20.01 1.45
N LEU B 164 20.83 -19.24 1.13
CA LEU B 164 20.22 -18.36 2.12
C LEU B 164 19.73 -19.12 3.36
N TYR B 165 18.88 -20.12 3.14
CA TYR B 165 18.30 -20.85 4.27
C TYR B 165 19.26 -21.78 5.00
N ARG B 166 20.03 -22.59 4.27
CA ARG B 166 20.90 -23.56 4.90
C ARG B 166 22.18 -22.95 5.48
N ASP B 167 22.80 -22.06 4.72
CA ASP B 167 24.09 -21.50 5.13
C ASP B 167 23.95 -20.23 5.96
N THR B 168 23.46 -19.17 5.35
CA THR B 168 23.27 -17.91 6.08
C THR B 168 22.39 -18.09 7.31
N LEU B 169 21.25 -18.76 7.15
CA LEU B 169 20.27 -18.80 8.25
C LEU B 169 20.34 -20.06 9.10
N ALA B 170 21.19 -21.00 8.70
CA ALA B 170 21.38 -22.23 9.47
C ALA B 170 20.11 -23.07 9.63
N PHE B 171 19.35 -23.25 8.55
CA PHE B 171 18.28 -24.24 8.55
C PHE B 171 18.89 -25.62 8.30
N GLU B 172 18.35 -26.65 8.96
CA GLU B 172 18.77 -28.01 8.68
C GLU B 172 18.07 -28.54 7.43
N VAL B 173 18.83 -29.13 6.52
CA VAL B 173 18.23 -29.86 5.41
C VAL B 173 17.89 -31.28 5.84
N LEU B 174 16.62 -31.52 6.14
CA LEU B 174 16.18 -32.83 6.62
C LEU B 174 16.26 -33.88 5.54
N SER B 175 15.61 -33.61 4.41
CA SER B 175 15.50 -34.58 3.33
C SER B 175 15.19 -33.88 2.01
N ILE B 176 15.07 -34.68 0.95
CA ILE B 176 14.66 -34.16 -0.35
C ILE B 176 13.33 -34.78 -0.75
N GLU B 177 12.24 -34.05 -0.57
CA GLU B 177 10.92 -34.53 -1.02
C GLU B 177 10.82 -34.48 -2.55
N LYS B 178 10.69 -35.66 -3.16
CA LYS B 178 10.74 -35.81 -4.62
C LYS B 178 9.42 -35.43 -5.29
N SER B 179 9.52 -34.78 -6.45
CA SER B 179 8.34 -34.33 -7.20
C SER B 179 7.37 -33.55 -6.32
N TYR B 180 7.91 -32.71 -5.44
CA TYR B 180 7.11 -32.05 -4.43
C TYR B 180 6.24 -30.93 -4.96
N TYR B 181 6.73 -30.22 -5.99
CA TYR B 181 6.06 -29.01 -6.47
C TYR B 181 5.00 -29.25 -7.52
N GLN B 182 4.12 -28.27 -7.70
CA GLN B 182 2.98 -28.38 -8.61
C GLN B 182 3.39 -28.75 -10.04
N ASP B 183 4.63 -28.45 -10.39
CA ASP B 183 5.13 -28.72 -11.73
C ASP B 183 6.12 -29.89 -11.76
N GLY B 184 6.23 -30.60 -10.65
CA GLY B 184 7.03 -31.81 -10.59
C GLY B 184 8.49 -31.68 -10.17
N GLU B 185 8.87 -30.54 -9.61
CA GLU B 185 10.26 -30.36 -9.19
C GLU B 185 10.54 -30.87 -7.78
N ASP B 186 11.72 -31.47 -7.59
CA ASP B 186 12.19 -31.84 -6.26
C ASP B 186 12.26 -30.62 -5.34
N ALA B 187 12.03 -30.84 -4.05
CA ALA B 187 12.11 -29.80 -3.05
C ALA B 187 13.06 -30.23 -1.95
N TYR B 188 13.77 -29.27 -1.36
CA TYR B 188 14.49 -29.54 -0.11
C TYR B 188 13.54 -29.28 1.05
N ALA B 189 13.50 -30.21 2.00
CA ALA B 189 12.73 -30.02 3.21
C ALA B 189 13.66 -29.47 4.27
N MET B 190 13.29 -28.32 4.82
CA MET B 190 14.13 -27.65 5.80
C MET B 190 13.37 -27.25 7.07
N LYS B 191 14.09 -27.19 8.18
CA LYS B 191 13.50 -26.93 9.46
C LYS B 191 14.51 -26.19 10.31
N LYS B 192 14.04 -25.22 11.10
CA LYS B 192 14.91 -24.58 12.06
C LYS B 192 14.25 -24.52 13.43
N VAL B 193 14.92 -25.08 14.41
CA VAL B 193 14.52 -24.96 15.80
C VAL B 193 14.84 -23.55 16.27
N LEU B 194 13.89 -22.91 16.95
CA LEU B 194 14.00 -21.51 17.27
C LEU B 194 14.45 -21.31 18.71
N LYS B 195 15.58 -20.63 18.90
CA LYS B 195 16.08 -20.35 20.25
C LYS B 195 16.45 -18.88 20.39
N LEU B 196 15.70 -18.19 21.25
CA LEU B 196 15.74 -16.73 21.34
C LEU B 196 17.15 -16.17 21.46
N GLU B 197 17.99 -16.83 22.25
CA GLU B 197 19.35 -16.38 22.47
C GLU B 197 20.19 -16.41 21.18
N GLU B 198 19.95 -17.42 20.34
CA GLU B 198 20.66 -17.52 19.07
C GLU B 198 20.12 -16.56 18.01
N LEU B 199 18.83 -16.25 18.06
CA LEU B 199 18.19 -15.43 17.01
C LEU B 199 18.40 -13.94 17.23
N GLN B 200 18.94 -13.59 18.38
CA GLN B 200 19.16 -12.21 18.74
C GLN B 200 19.87 -11.50 17.58
N ILE B 201 19.29 -10.42 17.09
CA ILE B 201 19.80 -9.74 15.89
C ILE B 201 21.27 -9.30 16.02
N SER B 202 21.66 -8.89 17.23
CA SER B 202 23.00 -8.37 17.44
C SER B 202 24.10 -9.44 17.26
N ASN B 203 23.70 -10.70 17.15
CA ASN B 203 24.66 -11.77 16.87
C ASN B 203 25.20 -11.71 15.44
N PHE B 204 24.54 -10.92 14.59
CA PHE B 204 24.81 -10.99 13.16
C PHE B 204 25.18 -9.64 12.58
N THR B 205 25.59 -8.73 13.44
CA THR B 205 26.00 -7.41 13.00
C THR B 205 27.42 -7.38 12.43
N HIS B 206 28.30 -8.27 12.90
CA HIS B 206 29.65 -8.41 12.34
C HIS B 206 29.83 -9.75 11.62
N ARG B 207 30.69 -9.76 10.61
CA ARG B 207 31.01 -10.98 9.89
C ARG B 207 32.13 -11.78 10.57
N LYS B 215 34.13 -7.62 17.68
CA LYS B 215 32.68 -7.52 17.81
C LYS B 215 32.25 -6.70 19.03
N LEU B 216 32.43 -5.38 18.95
CA LEU B 216 31.87 -4.47 19.92
C LEU B 216 30.36 -4.41 19.78
N GLU B 217 29.65 -4.23 20.89
CA GLU B 217 28.22 -4.00 20.84
C GLU B 217 27.80 -2.97 21.88
N ASP B 218 26.60 -2.41 21.70
CA ASP B 218 26.11 -1.40 22.62
C ASP B 218 25.72 -2.08 23.94
N ASP B 219 26.26 -1.60 25.05
CA ASP B 219 25.93 -2.18 26.35
C ASP B 219 24.65 -1.54 26.91
N LEU B 220 24.11 -0.58 26.16
CA LEU B 220 22.83 0.06 26.46
C LEU B 220 22.86 0.80 27.78
N GLU B 221 24.05 1.26 28.16
CA GLU B 221 24.26 1.90 29.45
C GLU B 221 25.29 3.04 29.41
N SER B 222 26.44 2.78 28.79
CA SER B 222 27.52 3.76 28.72
C SER B 222 27.16 4.95 27.84
N ASP B 223 27.87 6.06 27.99
CA ASP B 223 27.62 7.21 27.13
C ASP B 223 28.29 7.04 25.77
N LEU B 224 27.51 7.20 24.71
CA LEU B 224 27.98 7.03 23.33
C LEU B 224 28.99 8.10 22.92
N LEU B 225 28.82 9.30 23.45
CA LEU B 225 29.67 10.43 23.06
C LEU B 225 30.90 10.58 23.95
N GLU B 226 31.11 9.60 24.82
CA GLU B 226 32.20 9.61 25.80
C GLU B 226 33.55 9.95 25.18
N ASP B 227 33.80 9.48 23.96
CA ASP B 227 35.11 9.61 23.35
C ASP B 227 35.59 11.04 23.20
N ILE B 228 34.66 11.91 22.83
CA ILE B 228 34.99 13.24 22.28
C ILE B 228 35.91 14.09 23.15
N ILE B 229 35.93 13.82 24.45
CA ILE B 229 36.60 14.74 25.37
C ILE B 229 37.78 14.11 26.09
N LYS B 230 38.10 12.87 25.73
CA LYS B 230 39.25 12.18 26.30
C LYS B 230 40.51 12.99 25.95
N GLN B 231 41.46 13.03 26.88
CA GLN B 231 42.63 13.93 26.76
C GLN B 231 43.95 13.23 26.41
N GLY B 232 43.92 11.91 26.25
CA GLY B 232 45.12 11.18 25.88
C GLY B 232 45.57 11.56 24.48
N VAL B 233 46.89 11.61 24.27
CA VAL B 233 47.43 12.09 23.00
C VAL B 233 46.91 11.26 21.82
N ASN B 234 46.92 9.95 21.96
CA ASN B 234 46.36 9.07 20.94
C ASN B 234 44.88 9.34 20.70
N ASP B 235 44.14 9.68 21.75
CA ASP B 235 42.72 10.07 21.56
C ASP B 235 42.65 11.32 20.70
N ILE B 236 43.41 12.36 21.08
CA ILE B 236 43.43 13.61 20.33
C ILE B 236 43.71 13.35 18.86
N ILE B 237 44.66 12.47 18.58
CA ILE B 237 45.03 12.17 17.19
C ILE B 237 43.92 11.46 16.37
N VAL B 238 43.44 10.31 16.85
CA VAL B 238 42.44 9.53 16.11
C VAL B 238 41.08 10.25 16.00
N GLU B 239 40.69 10.93 17.07
CA GLU B 239 39.42 11.66 17.12
C GLU B 239 39.53 13.07 16.56
N GLN B 240 40.42 13.21 15.59
CA GLN B 240 40.79 14.49 14.99
C GLN B 240 39.57 15.23 14.40
N LYS B 241 38.80 14.53 13.60
CA LYS B 241 37.70 15.14 12.86
C LYS B 241 36.54 15.61 13.74
N LEU B 242 36.62 15.35 15.04
CA LEU B 242 35.56 15.76 15.97
C LEU B 242 35.85 17.08 16.67
N ILE B 243 37.11 17.51 16.63
CA ILE B 243 37.50 18.79 17.23
C ILE B 243 37.32 19.94 16.26
N SER B 244 36.38 20.84 16.56
CA SER B 244 36.13 22.00 15.71
C SER B 244 36.95 23.22 16.14
N GLU B 245 37.01 24.22 15.27
CA GLU B 245 37.77 25.44 15.57
C GLU B 245 37.00 26.41 16.47
PB G4P C . 11.51 7.23 -14.30
O1B G4P C . 12.63 7.92 -15.11
O2B G4P C . 10.29 8.15 -14.38
O3B G4P C . 11.23 5.84 -14.86
O3A G4P C . 12.02 7.09 -12.86
PA G4P C . 11.39 7.60 -11.57
O1A G4P C . 12.25 7.01 -10.46
O2A G4P C . 11.31 9.09 -11.51
O5' G4P C . 9.91 7.01 -11.41
C5' G4P C . 9.66 5.70 -11.12
C4' G4P C . 8.26 5.32 -11.20
O4' G4P C . 7.65 5.56 -9.89
C3' G4P C . 7.55 6.24 -12.13
O3' G4P C . 6.43 5.63 -12.65
C2' G4P C . 7.17 7.36 -11.28
O2' G4P C . 6.12 8.02 -11.80
C1' G4P C . 6.80 6.66 -10.01
N9 G4P C . 6.80 7.49 -8.87
C8 G4P C . 7.73 8.30 -8.53
N7 G4P C . 7.50 8.91 -7.49
C5 G4P C . 6.33 8.60 -6.96
C6 G4P C . 5.55 8.93 -5.85
O6 G4P C . 6.02 9.86 -4.96
N1 G4P C . 4.33 8.34 -5.67
C2 G4P C . 3.86 7.41 -6.54
N2 G4P C . 2.57 6.79 -6.30
N3 G4P C . 4.58 7.06 -7.62
C4 G4P C . 5.79 7.60 -7.87
PC G4P C . 6.61 4.75 -13.98
O1C G4P C . 6.34 5.66 -15.09
O2C G4P C . 5.65 3.50 -13.99
O3C G4P C . 8.21 4.35 -13.95
PD G4P C . 8.96 3.36 -14.92
O1D G4P C . 8.40 2.02 -14.72
O2D G4P C . 10.36 3.27 -14.53
O3D G4P C . 8.86 3.83 -16.34
#